data_7T0B
#
_entry.id   7T0B
#
_cell.length_a   141.915
_cell.length_b   141.915
_cell.length_c   130.226
_cell.angle_alpha   90.000
_cell.angle_beta   90.000
_cell.angle_gamma   90.000
#
_symmetry.space_group_name_H-M   'P 43 21 2'
#
loop_
_entity.id
_entity.type
_entity.pdbx_description
1 polymer 'Protein farnesyltransferase/geranylgeranyltransferase type-1 subunit alpha'
2 polymer 'Protein farnesyltransferase subunit beta'
3 non-polymer 1,2-ETHANEDIOL
4 non-polymer 'ZINC ION'
5 non-polymer '(2R)-3-(cyclohexylamino)-2-hydroxypropane-1-sulfonic acid'
6 non-polymer (5S)-5-butyl-4-({1-[(4-fluorophenyl)methyl]-1H-imidazol-5-yl}methyl)-1-[3-(trifluoromethoxy)phenyl]piperazin-2-one
7 non-polymer 'FARNESYL DIPHOSPHATE'
8 water water
#
loop_
_entity_poly.entity_id
_entity_poly.type
_entity_poly.pdbx_seq_one_letter_code
_entity_poly.pdbx_strand_id
1 'polypeptide(L)'
;MGSSHHHHHHSQDLMVTSTYIPMSQRRSWADVKPIMQDDGPNPVVPIMYSEEYKDAMDYFRAIAAKEEKSERALELTEII
VRMNPAHYTVWQYRFSLLTSLNKSLEDELRLMNEFAVQNLKSYQVWHHRLLLLDRISPQDPVSEIEYIHGSLLPDPKNYH
TWAYLHWLYSHFSTLGRISEAQWGSELDWCNEMLRVDGRNNSAWGWRWYLRVSRPGAETSSRSLQDELIYILKSIHLIPH
NVSAWNYLRGFLKHFSLPLVPILPAILPYTASKLNPDIETVEAFGFPMPSDPLPEDTPLPVPLALEYLADSFIEQNRVDD
AAKVFEKLSSEYDQMRAGYWEFRRRECAE
;
A
2 'polypeptide(L)'
;MATEFTPSVYSLVSKPLPSNSRPSATLDEQAETEDLISQLFDLTADPNALVSEHGKRYSGLRKQEHTQFLASSFFQLPGK
FVSLDASRPWLVFWTVHSLDLLGVALDQGTKDRVVSTLLHFLSPKGGFGGGPANSQIPHLLPTYASVCSLAIAGNDSSTG
GWKDLAAARQSIYEFFMRCKRPDGGFVVCEGGEVDVRGTYCLLVVATLLDIITPELLHNVDKFVSACQTYEGGFACASFP
FPSVVPSTSAFPTSEPSCRVSMAEAHGGYTSCSLNSHFLLTSVPLPSFPLSIDANAALRWTVLQQGEPIEGGGFRGRTNK
LVDGCYSWWVGGGAPVAEELVRREKSRKVKKSRIEVFEEEKEGDWEDVPPIPPIFNRVALQEFTLVAAQQDPGSTGGLRD
KPGKRPDQYHTCNNLSGLSIAQHKMSHSPSTVSSNRLKFDASKGLPAVKPVAPGGGWKNEDERQNARREIWANALGWIEE
EGGEIIVGGKDNRINTTTPVFNILGLRLKPFINYFYCQEN
;
B
#
loop_
_chem_comp.id
_chem_comp.type
_chem_comp.name
_chem_comp.formula
3FX non-polymer '(2R)-3-(cyclohexylamino)-2-hydroxypropane-1-sulfonic acid' 'C9 H19 N O4 S'
EDO non-polymer 1,2-ETHANEDIOL 'C2 H6 O2'
FPP non-polymer 'FARNESYL DIPHOSPHATE' 'C15 H28 O7 P2'
XO4 non-polymer (5S)-5-butyl-4-({1-[(4-fluorophenyl)methyl]-1H-imidazol-5-yl}methyl)-1-[3-(trifluoromethoxy)phenyl]piperazin-2-one 'C26 H28 F4 N4 O2'
ZN non-polymer 'ZINC ION' 'Zn 2'
#
# COMPACT_ATOMS: atom_id res chain seq x y z
N THR A 19 -2.75 42.01 -9.98
CA THR A 19 -3.28 42.06 -8.62
C THR A 19 -4.67 41.40 -8.56
N TYR A 20 -4.94 40.72 -7.45
CA TYR A 20 -6.12 39.85 -7.36
C TYR A 20 -7.40 40.66 -7.21
N ILE A 21 -8.41 40.27 -7.96
CA ILE A 21 -9.76 40.84 -7.89
C ILE A 21 -10.65 39.83 -7.20
N PRO A 22 -11.16 40.12 -6.00
CA PRO A 22 -12.03 39.15 -5.31
C PRO A 22 -13.29 38.89 -6.11
N MET A 23 -13.83 37.68 -5.92
CA MET A 23 -15.01 37.28 -6.69
C MET A 23 -16.26 38.06 -6.29
N SER A 24 -16.30 38.58 -5.06
CA SER A 24 -17.39 39.47 -4.66
C SER A 24 -17.43 40.75 -5.46
N GLN A 25 -16.34 41.10 -6.14
CA GLN A 25 -16.28 42.30 -6.96
C GLN A 25 -16.44 42.01 -8.44
N ARG A 26 -16.78 40.78 -8.81
CA ARG A 26 -16.90 40.40 -10.21
C ARG A 26 -18.38 40.36 -10.59
N ARG A 27 -18.76 41.11 -11.64
CA ARG A 27 -20.17 41.19 -12.02
C ARG A 27 -20.73 39.83 -12.37
N SER A 28 -19.90 38.93 -12.91
CA SER A 28 -20.38 37.60 -13.28
C SER A 28 -20.76 36.74 -12.07
N TRP A 29 -20.39 37.14 -10.85
CA TRP A 29 -20.68 36.34 -9.66
C TRP A 29 -21.52 37.10 -8.65
N ALA A 30 -22.14 38.21 -9.06
CA ALA A 30 -22.78 39.11 -8.10
C ALA A 30 -24.01 38.48 -7.46
N ASP A 31 -24.66 37.55 -8.15
CA ASP A 31 -25.86 36.90 -7.63
C ASP A 31 -25.56 35.80 -6.61
N VAL A 32 -24.29 35.45 -6.40
CA VAL A 32 -23.95 34.28 -5.60
C VAL A 32 -23.46 34.74 -4.24
N LYS A 33 -24.08 34.19 -3.19
CA LYS A 33 -23.63 34.44 -1.83
C LYS A 33 -22.65 33.34 -1.43
N PRO A 34 -21.37 33.64 -1.24
CA PRO A 34 -20.41 32.58 -0.85
C PRO A 34 -20.75 31.97 0.51
N ILE A 35 -20.28 30.75 0.70
CA ILE A 35 -20.52 29.97 1.92
C ILE A 35 -19.17 29.62 2.51
N MET A 36 -18.96 29.97 3.78
CA MET A 36 -17.67 29.75 4.43
C MET A 36 -17.49 28.29 4.79
N GLN A 37 -16.22 27.88 4.87
CA GLN A 37 -15.86 26.54 5.33
C GLN A 37 -16.30 26.33 6.77
N ASP A 38 -16.93 25.19 7.06
CA ASP A 38 -17.47 24.95 8.40
C ASP A 38 -16.78 23.77 9.09
N ASP A 39 -15.63 24.02 9.72
CA ASP A 39 -15.02 22.98 10.54
C ASP A 39 -15.04 23.34 12.02
N GLY A 40 -15.93 24.22 12.45
CA GLY A 40 -16.03 24.58 13.84
C GLY A 40 -15.18 25.78 14.19
N PRO A 41 -15.20 26.18 15.48
CA PRO A 41 -14.54 27.44 15.89
C PRO A 41 -13.03 27.36 16.07
N ASN A 42 -12.48 26.16 16.36
CA ASN A 42 -11.05 26.04 16.60
C ASN A 42 -10.51 24.69 16.10
N PRO A 43 -10.55 24.42 14.79
CA PRO A 43 -10.19 23.08 14.31
C PRO A 43 -8.70 22.78 14.46
N VAL A 44 -8.39 21.48 14.60
CA VAL A 44 -7.01 21.02 14.48
C VAL A 44 -6.66 20.91 13.00
N VAL A 45 -5.37 20.70 12.72
CA VAL A 45 -4.71 20.73 11.40
C VAL A 45 -5.32 21.77 10.45
N PRO A 46 -5.43 23.04 10.83
CA PRO A 46 -5.87 24.05 9.87
C PRO A 46 -4.73 24.42 8.93
N ILE A 47 -5.09 24.76 7.70
CA ILE A 47 -4.14 25.11 6.65
C ILE A 47 -4.30 26.59 6.33
N MET A 48 -3.18 27.30 6.24
CA MET A 48 -3.21 28.73 5.97
C MET A 48 -3.39 28.92 4.46
N TYR A 49 -4.64 29.10 4.04
CA TYR A 49 -4.97 29.16 2.63
C TYR A 49 -4.61 30.52 2.02
N SER A 50 -4.21 30.50 0.75
CA SER A 50 -4.08 31.76 0.04
C SER A 50 -5.46 32.41 -0.15
N GLU A 51 -5.45 33.72 -0.37
CA GLU A 51 -6.71 34.43 -0.61
C GLU A 51 -7.43 33.86 -1.83
N GLU A 52 -6.68 33.53 -2.88
CA GLU A 52 -7.27 32.99 -4.10
C GLU A 52 -7.94 31.65 -3.85
N TYR A 53 -7.33 30.79 -3.05
CA TYR A 53 -7.88 29.45 -2.83
C TYR A 53 -9.11 29.49 -1.94
N LYS A 54 -9.05 30.26 -0.84
CA LYS A 54 -10.23 30.43 0.02
C LYS A 54 -11.40 31.03 -0.75
N ASP A 55 -11.13 32.05 -1.57
CA ASP A 55 -12.19 32.72 -2.30
C ASP A 55 -12.87 31.75 -3.28
N ALA A 56 -12.08 30.95 -4.00
CA ALA A 56 -12.67 30.00 -4.95
C ALA A 56 -13.48 28.93 -4.23
N MET A 57 -12.99 28.42 -3.10
CA MET A 57 -13.73 27.39 -2.37
C MET A 57 -14.99 27.95 -1.71
N ASP A 58 -14.93 29.20 -1.24
CA ASP A 58 -16.13 29.89 -0.75
C ASP A 58 -17.23 29.91 -1.80
N TYR A 59 -16.87 30.18 -3.05
CA TYR A 59 -17.89 30.20 -4.10
C TYR A 59 -18.21 28.80 -4.60
N PHE A 60 -17.25 27.85 -4.53
CA PHE A 60 -17.57 26.48 -4.88
C PHE A 60 -18.60 25.89 -3.92
N ARG A 61 -18.45 26.14 -2.61
CA ARG A 61 -19.44 25.68 -1.64
C ARG A 61 -20.84 26.17 -2.00
N ALA A 62 -20.95 27.45 -2.41
CA ALA A 62 -22.25 27.98 -2.81
C ALA A 62 -22.76 27.31 -4.09
N ILE A 63 -21.87 27.11 -5.06
CA ILE A 63 -22.25 26.48 -6.33
C ILE A 63 -22.74 25.06 -6.09
N ALA A 64 -21.96 24.28 -5.34
CA ALA A 64 -22.33 22.90 -5.07
C ALA A 64 -23.60 22.83 -4.22
N ALA A 65 -23.81 23.81 -3.35
CA ALA A 65 -25.01 23.81 -2.51
C ALA A 65 -26.26 24.00 -3.35
N LYS A 66 -26.24 24.95 -4.29
CA LYS A 66 -27.38 25.15 -5.19
C LYS A 66 -27.38 24.18 -6.37
N GLU A 67 -26.40 23.27 -6.45
CA GLU A 67 -26.30 22.27 -7.52
C GLU A 67 -26.32 22.89 -8.91
N GLU A 68 -25.62 24.01 -9.05
CA GLU A 68 -25.55 24.70 -10.33
C GLU A 68 -24.61 23.98 -11.28
N LYS A 69 -25.09 23.71 -12.48
CA LYS A 69 -24.28 23.14 -13.56
C LYS A 69 -24.19 24.19 -14.66
N SER A 70 -23.04 24.84 -14.79
CA SER A 70 -22.92 25.98 -15.68
C SER A 70 -21.47 26.12 -16.13
N GLU A 71 -21.27 26.98 -17.13
CA GLU A 71 -19.91 27.28 -17.59
C GLU A 71 -19.09 27.97 -16.50
N ARG A 72 -19.69 28.89 -15.73
CA ARG A 72 -18.90 29.56 -14.70
C ARG A 72 -18.50 28.56 -13.61
N ALA A 73 -19.36 27.60 -13.30
CA ALA A 73 -19.00 26.55 -12.36
C ALA A 73 -17.88 25.69 -12.91
N LEU A 74 -17.92 25.39 -14.21
CA LEU A 74 -16.84 24.63 -14.84
C LEU A 74 -15.51 25.37 -14.73
N GLU A 75 -15.50 26.66 -15.10
CA GLU A 75 -14.30 27.46 -14.96
C GLU A 75 -13.78 27.46 -13.52
N LEU A 76 -14.71 27.54 -12.56
CA LEU A 76 -14.29 27.60 -11.16
C LEU A 76 -13.61 26.30 -10.72
N THR A 77 -14.13 25.16 -11.18
CA THR A 77 -13.48 23.89 -10.82
C THR A 77 -12.07 23.80 -11.38
N GLU A 78 -11.86 24.30 -12.62
CA GLU A 78 -10.51 24.28 -13.17
C GLU A 78 -9.56 25.13 -12.36
N ILE A 79 -10.00 26.33 -11.95
CA ILE A 79 -9.17 27.18 -11.11
C ILE A 79 -8.78 26.45 -9.82
N ILE A 80 -9.72 25.70 -9.24
CA ILE A 80 -9.45 25.05 -7.96
C ILE A 80 -8.48 23.90 -8.14
N VAL A 81 -8.74 23.00 -9.11
CA VAL A 81 -7.85 21.85 -9.23
C VAL A 81 -6.47 22.23 -9.74
N ARG A 82 -6.32 23.41 -10.35
CA ARG A 82 -4.98 23.89 -10.66
C ARG A 82 -4.20 24.19 -9.39
N MET A 83 -4.88 24.72 -8.37
CA MET A 83 -4.23 25.02 -7.10
C MET A 83 -4.09 23.77 -6.24
N ASN A 84 -5.02 22.82 -6.35
CA ASN A 84 -4.98 21.58 -5.59
C ASN A 84 -5.45 20.42 -6.46
N PRO A 85 -4.53 19.77 -7.17
CA PRO A 85 -4.93 18.67 -8.08
C PRO A 85 -5.46 17.43 -7.37
N ALA A 86 -5.30 17.32 -6.05
CA ALA A 86 -5.78 16.15 -5.33
C ALA A 86 -7.18 16.34 -4.73
N HIS A 87 -7.91 17.39 -5.13
CA HIS A 87 -9.19 17.74 -4.50
C HIS A 87 -10.31 16.92 -5.11
N TYR A 88 -10.52 15.69 -4.59
CA TYR A 88 -11.39 14.73 -5.25
C TYR A 88 -12.83 15.22 -5.36
N THR A 89 -13.32 15.98 -4.37
CA THR A 89 -14.70 16.49 -4.46
C THR A 89 -14.87 17.41 -5.68
N VAL A 90 -13.89 18.26 -5.95
CA VAL A 90 -14.02 19.21 -7.04
C VAL A 90 -13.88 18.49 -8.39
N TRP A 91 -12.99 17.49 -8.46
CA TRP A 91 -12.91 16.67 -9.67
C TRP A 91 -14.23 15.95 -9.93
N GLN A 92 -14.86 15.41 -8.88
CA GLN A 92 -16.15 14.75 -9.04
C GLN A 92 -17.19 15.73 -9.59
N TYR A 93 -17.22 16.94 -9.04
CA TYR A 93 -18.15 17.94 -9.53
C TYR A 93 -17.82 18.31 -10.97
N ARG A 94 -16.52 18.40 -11.29
CA ARG A 94 -16.14 18.77 -12.65
C ARG A 94 -16.62 17.75 -13.67
N PHE A 95 -16.49 16.45 -13.36
CA PHE A 95 -16.95 15.44 -14.33
C PHE A 95 -18.46 15.48 -14.50
N SER A 96 -19.20 15.73 -13.42
CA SER A 96 -20.65 15.84 -13.58
C SER A 96 -21.03 17.08 -14.39
N LEU A 97 -20.23 18.15 -14.30
CA LEU A 97 -20.44 19.32 -15.15
C LEU A 97 -20.23 18.97 -16.62
N LEU A 98 -19.16 18.23 -16.93
CA LEU A 98 -18.88 17.89 -18.33
C LEU A 98 -20.01 17.07 -18.95
N THR A 99 -20.55 16.11 -18.20
CA THR A 99 -21.60 15.26 -18.76
C THR A 99 -22.94 16.00 -18.82
N SER A 100 -23.27 16.81 -17.81
CA SER A 100 -24.53 17.55 -17.81
C SER A 100 -24.57 18.58 -18.92
N LEU A 101 -23.46 19.29 -19.16
CA LEU A 101 -23.41 20.30 -20.21
C LEU A 101 -23.10 19.70 -21.58
N ASN A 102 -22.88 18.39 -21.67
CA ASN A 102 -22.48 17.75 -22.93
C ASN A 102 -21.27 18.44 -23.54
N LYS A 103 -20.27 18.72 -22.69
CA LYS A 103 -19.04 19.36 -23.13
C LYS A 103 -18.21 18.41 -23.99
N SER A 104 -17.32 18.99 -24.80
CA SER A 104 -16.39 18.21 -25.62
C SER A 104 -15.40 17.48 -24.72
N LEU A 105 -15.54 16.15 -24.64
CA LEU A 105 -14.61 15.39 -23.82
C LEU A 105 -13.22 15.29 -24.46
N GLU A 106 -13.11 15.50 -25.78
CA GLU A 106 -11.79 15.53 -26.41
C GLU A 106 -11.03 16.79 -26.02
N ASP A 107 -11.72 17.93 -25.93
CA ASP A 107 -11.10 19.14 -25.40
C ASP A 107 -10.61 18.94 -23.97
N GLU A 108 -11.42 18.25 -23.15
CA GLU A 108 -11.00 18.00 -21.78
C GLU A 108 -9.77 17.11 -21.75
N LEU A 109 -9.66 16.16 -22.68
CA LEU A 109 -8.46 15.32 -22.74
C LEU A 109 -7.22 16.14 -23.04
N ARG A 110 -7.34 17.11 -23.95
CA ARG A 110 -6.22 18.00 -24.23
C ARG A 110 -5.83 18.81 -22.99
N LEU A 111 -6.82 19.23 -22.20
CA LEU A 111 -6.52 19.93 -20.96
C LEU A 111 -5.74 19.04 -20.00
N MET A 112 -6.11 17.76 -19.93
CA MET A 112 -5.39 16.83 -19.06
C MET A 112 -3.95 16.61 -19.55
N ASN A 113 -3.73 16.61 -20.87
CA ASN A 113 -2.36 16.53 -21.38
C ASN A 113 -1.53 17.71 -20.86
N GLU A 114 -2.14 18.89 -20.76
CA GLU A 114 -1.42 20.05 -20.23
C GLU A 114 -1.15 19.90 -18.75
N PHE A 115 -2.13 19.40 -17.98
CA PHE A 115 -1.91 19.18 -16.56
C PHE A 115 -0.68 18.31 -16.30
N ALA A 116 -0.52 17.23 -17.06
CA ALA A 116 0.66 16.38 -16.94
C ALA A 116 1.93 17.17 -17.26
N VAL A 117 1.88 18.02 -18.29
CA VAL A 117 3.04 18.83 -18.68
C VAL A 117 3.41 19.80 -17.56
N GLN A 118 2.42 20.46 -16.95
CA GLN A 118 2.65 21.42 -15.88
C GLN A 118 2.81 20.77 -14.51
N ASN A 119 3.02 19.45 -14.47
CA ASN A 119 3.30 18.72 -13.24
C ASN A 119 2.13 18.80 -12.25
N LEU A 120 0.91 18.84 -12.77
CA LEU A 120 -0.30 18.74 -11.97
C LEU A 120 -0.77 17.28 -12.06
N LYS A 121 -0.60 16.53 -10.96
CA LYS A 121 -0.81 15.09 -11.00
C LYS A 121 -1.29 14.58 -9.64
N SER A 122 -2.07 13.49 -9.67
CA SER A 122 -2.65 12.84 -8.49
C SER A 122 -3.42 11.60 -8.95
N TYR A 123 -3.82 10.76 -7.98
CA TYR A 123 -4.81 9.71 -8.24
C TYR A 123 -6.03 10.27 -8.96
N GLN A 124 -6.43 11.51 -8.62
CA GLN A 124 -7.67 12.10 -9.11
C GLN A 124 -7.60 12.47 -10.58
N VAL A 125 -6.46 13.04 -11.01
CA VAL A 125 -6.29 13.39 -12.41
C VAL A 125 -6.26 12.12 -13.27
N TRP A 126 -5.54 11.10 -12.80
CA TRP A 126 -5.48 9.84 -13.55
C TRP A 126 -6.85 9.20 -13.64
N HIS A 127 -7.63 9.24 -12.55
CA HIS A 127 -8.96 8.67 -12.61
C HIS A 127 -9.86 9.48 -13.55
N HIS A 128 -9.74 10.81 -13.52
CA HIS A 128 -10.49 11.67 -14.44
C HIS A 128 -10.22 11.27 -15.88
N ARG A 129 -8.97 11.03 -16.22
CA ARG A 129 -8.62 10.62 -17.58
C ARG A 129 -9.29 9.29 -17.92
N LEU A 130 -9.29 8.35 -16.99
CA LEU A 130 -9.94 7.06 -17.21
C LEU A 130 -11.43 7.24 -17.50
N LEU A 131 -12.11 8.06 -16.68
CA LEU A 131 -13.54 8.30 -16.89
C LEU A 131 -13.81 8.93 -18.25
N LEU A 132 -12.91 9.80 -18.71
CA LEU A 132 -13.09 10.41 -20.04
C LEU A 132 -13.00 9.34 -21.12
N LEU A 133 -11.97 8.50 -21.08
CA LEU A 133 -11.81 7.45 -22.08
C LEU A 133 -12.97 6.47 -22.06
N ASP A 134 -13.43 6.10 -20.86
CA ASP A 134 -14.59 5.23 -20.74
C ASP A 134 -15.82 5.84 -21.41
N ARG A 135 -16.06 7.14 -21.19
CA ARG A 135 -17.27 7.77 -21.72
C ARG A 135 -17.15 8.09 -23.21
N ILE A 136 -16.01 8.61 -23.66
CA ILE A 136 -15.79 8.76 -25.10
C ILE A 136 -15.95 7.43 -25.80
N SER A 137 -15.38 6.37 -25.23
CA SER A 137 -15.44 5.02 -25.79
C SER A 137 -15.00 5.01 -27.26
N PRO A 138 -13.75 5.40 -27.55
CA PRO A 138 -13.30 5.42 -28.94
C PRO A 138 -13.39 4.03 -29.56
N GLN A 139 -13.68 4.01 -30.86
CA GLN A 139 -13.65 2.72 -31.56
C GLN A 139 -12.23 2.19 -31.67
N ASP A 140 -11.23 3.08 -31.71
CA ASP A 140 -9.84 2.64 -31.69
C ASP A 140 -9.06 3.52 -30.71
N PRO A 141 -8.56 2.97 -29.60
CA PRO A 141 -7.86 3.84 -28.64
C PRO A 141 -6.38 3.97 -28.92
N VAL A 142 -5.96 3.98 -30.20
CA VAL A 142 -4.53 3.89 -30.48
C VAL A 142 -3.81 5.19 -30.11
N SER A 143 -4.46 6.32 -30.31
CA SER A 143 -3.81 7.59 -30.03
C SER A 143 -3.63 7.78 -28.52
N GLU A 144 -4.53 7.22 -27.71
CA GLU A 144 -4.35 7.29 -26.26
C GLU A 144 -3.22 6.37 -25.81
N ILE A 145 -3.15 5.16 -26.39
CA ILE A 145 -2.05 4.25 -26.09
C ILE A 145 -0.71 4.93 -26.35
N GLU A 146 -0.59 5.60 -27.50
CA GLU A 146 0.66 6.25 -27.88
C GLU A 146 0.97 7.42 -26.96
N TYR A 147 -0.05 8.17 -26.54
CA TYR A 147 0.18 9.23 -25.58
C TYR A 147 0.73 8.69 -24.27
N ILE A 148 0.14 7.60 -23.77
CA ILE A 148 0.63 6.99 -22.53
C ILE A 148 2.08 6.57 -22.68
N HIS A 149 2.43 5.97 -23.83
CA HIS A 149 3.82 5.60 -24.05
C HIS A 149 4.75 6.81 -23.94
N GLY A 150 4.43 7.89 -24.66
CA GLY A 150 5.26 9.08 -24.59
C GLY A 150 5.33 9.65 -23.18
N SER A 151 4.22 9.58 -22.44
CA SER A 151 4.16 10.22 -21.13
C SER A 151 5.09 9.55 -20.12
N LEU A 152 5.51 8.31 -20.37
CA LEU A 152 6.46 7.63 -19.50
C LEU A 152 7.88 8.17 -19.61
N LEU A 153 8.14 9.19 -20.45
CA LEU A 153 9.51 9.72 -20.61
C LEU A 153 10.08 10.32 -19.34
N PRO A 154 9.41 11.25 -18.64
CA PRO A 154 9.99 11.77 -17.40
C PRO A 154 10.05 10.75 -16.26
N ASP A 155 9.13 9.79 -16.19
CA ASP A 155 9.17 8.75 -15.16
C ASP A 155 8.75 7.41 -15.74
N PRO A 156 9.71 6.58 -16.17
CA PRO A 156 9.36 5.28 -16.78
C PRO A 156 8.81 4.24 -15.80
N LYS A 157 8.73 4.55 -14.50
CA LYS A 157 8.17 3.62 -13.51
C LYS A 157 6.92 4.17 -12.83
N ASN A 158 6.33 5.25 -13.36
CA ASN A 158 5.13 5.85 -12.77
C ASN A 158 4.04 4.80 -12.59
N TYR A 159 3.70 4.51 -11.32
CA TYR A 159 2.81 3.40 -11.03
C TYR A 159 1.41 3.65 -11.59
N HIS A 160 0.89 4.86 -11.42
CA HIS A 160 -0.43 5.19 -11.96
C HIS A 160 -0.48 4.99 -13.46
N THR A 161 0.61 5.36 -14.17
CA THR A 161 0.61 5.26 -15.63
C THR A 161 0.55 3.80 -16.07
N TRP A 162 1.36 2.94 -15.43
CA TRP A 162 1.35 1.52 -15.77
C TRP A 162 0.00 0.88 -15.47
N ALA A 163 -0.60 1.19 -14.31
CA ALA A 163 -1.92 0.67 -13.99
C ALA A 163 -2.97 1.14 -15.01
N TYR A 164 -2.88 2.42 -15.41
CA TYR A 164 -3.81 2.94 -16.40
C TYR A 164 -3.65 2.24 -17.76
N LEU A 165 -2.40 1.95 -18.16
CA LEU A 165 -2.17 1.23 -19.41
C LEU A 165 -2.79 -0.17 -19.38
N HIS A 166 -2.62 -0.89 -18.26
CA HIS A 166 -3.31 -2.16 -18.03
C HIS A 166 -4.82 -2.02 -18.19
N TRP A 167 -5.40 -0.99 -17.55
CA TRP A 167 -6.85 -0.80 -17.63
C TRP A 167 -7.29 -0.53 -19.05
N LEU A 168 -6.52 0.29 -19.77
CA LEU A 168 -6.92 0.70 -21.12
C LEU A 168 -7.00 -0.50 -22.05
N TYR A 169 -5.96 -1.36 -22.04
CA TYR A 169 -5.97 -2.57 -22.87
C TYR A 169 -7.03 -3.55 -22.41
N SER A 170 -7.27 -3.65 -21.10
CA SER A 170 -8.24 -4.61 -20.58
C SER A 170 -9.65 -4.19 -20.94
N HIS A 171 -9.98 -2.93 -20.71
CA HIS A 171 -11.31 -2.39 -21.01
C HIS A 171 -11.61 -2.45 -22.51
N PHE A 172 -10.70 -1.97 -23.34
CA PHE A 172 -11.03 -1.95 -24.76
C PHE A 172 -10.89 -3.32 -25.42
N SER A 173 -10.12 -4.25 -24.83
CA SER A 173 -10.15 -5.62 -25.35
C SER A 173 -11.47 -6.31 -25.03
N THR A 174 -12.09 -6.00 -23.88
CA THR A 174 -13.42 -6.56 -23.60
CA THR A 174 -13.41 -6.54 -23.58
C THR A 174 -14.44 -6.11 -24.63
N LEU A 175 -14.27 -4.93 -25.20
CA LEU A 175 -15.16 -4.43 -26.24
C LEU A 175 -14.77 -4.96 -27.62
N GLY A 176 -13.69 -5.73 -27.71
CA GLY A 176 -13.23 -6.30 -28.96
C GLY A 176 -12.43 -5.36 -29.82
N ARG A 177 -11.88 -4.27 -29.27
CA ARG A 177 -11.30 -3.21 -30.06
C ARG A 177 -9.77 -3.18 -30.07
N ILE A 178 -9.10 -4.23 -29.59
CA ILE A 178 -7.65 -4.34 -29.70
C ILE A 178 -7.33 -5.42 -30.73
N SER A 179 -6.77 -5.00 -31.87
CA SER A 179 -6.46 -5.93 -32.96
C SER A 179 -5.17 -6.69 -32.67
N GLU A 180 -4.96 -7.78 -33.43
CA GLU A 180 -3.72 -8.55 -33.29
C GLU A 180 -2.50 -7.70 -33.62
N ALA A 181 -2.61 -6.79 -34.59
CA ALA A 181 -1.50 -5.89 -34.90
C ALA A 181 -1.20 -4.97 -33.73
N GLN A 182 -2.24 -4.51 -33.02
CA GLN A 182 -2.03 -3.63 -31.88
C GLN A 182 -1.31 -4.37 -30.75
N TRP A 183 -1.73 -5.61 -30.44
CA TRP A 183 -1.02 -6.41 -29.42
C TRP A 183 0.44 -6.63 -29.83
N GLY A 184 0.69 -6.84 -31.11
CA GLY A 184 2.05 -7.09 -31.58
C GLY A 184 2.95 -5.89 -31.39
N SER A 185 2.46 -4.70 -31.77
CA SER A 185 3.28 -3.50 -31.57
C SER A 185 3.44 -3.16 -30.09
N GLU A 186 2.49 -3.57 -29.24
CA GLU A 186 2.63 -3.32 -27.81
C GLU A 186 3.77 -4.16 -27.23
N LEU A 187 3.91 -5.42 -27.68
CA LEU A 187 5.05 -6.21 -27.24
C LEU A 187 6.36 -5.64 -27.79
N ASP A 188 6.36 -5.19 -29.04
CA ASP A 188 7.55 -4.51 -29.59
C ASP A 188 7.96 -3.33 -28.70
N TRP A 189 6.99 -2.51 -28.30
CA TRP A 189 7.31 -1.37 -27.44
C TRP A 189 7.81 -1.83 -26.08
N CYS A 190 7.21 -2.89 -25.52
CA CYS A 190 7.67 -3.40 -24.24
C CYS A 190 9.11 -3.90 -24.32
N ASN A 191 9.43 -4.62 -25.39
CA ASN A 191 10.79 -5.15 -25.59
C ASN A 191 11.81 -4.02 -25.64
N GLU A 192 11.44 -2.89 -26.26
CA GLU A 192 12.34 -1.75 -26.34
C GLU A 192 12.51 -1.09 -24.96
N MET A 193 11.43 -1.02 -24.16
CA MET A 193 11.57 -0.48 -22.82
C MET A 193 12.57 -1.29 -22.01
N LEU A 194 12.49 -2.62 -22.10
CA LEU A 194 13.41 -3.48 -21.36
C LEU A 194 14.81 -3.47 -21.95
N ARG A 195 14.94 -3.18 -23.25
CA ARG A 195 16.25 -3.00 -23.85
C ARG A 195 16.93 -1.74 -23.29
N VAL A 196 16.20 -0.64 -23.18
CA VAL A 196 16.77 0.60 -22.63
C VAL A 196 17.09 0.46 -21.14
N ASP A 197 16.27 -0.28 -20.37
CA ASP A 197 16.55 -0.50 -18.96
C ASP A 197 15.98 -1.85 -18.56
N GLY A 198 16.82 -2.88 -18.58
CA GLY A 198 16.37 -4.21 -18.21
C GLY A 198 15.99 -4.36 -16.75
N ARG A 199 16.29 -3.35 -15.92
CA ARG A 199 15.92 -3.35 -14.52
C ARG A 199 14.59 -2.63 -14.27
N ASN A 200 13.84 -2.28 -15.32
CA ASN A 200 12.54 -1.66 -15.13
C ASN A 200 11.51 -2.75 -14.82
N ASN A 201 11.21 -2.93 -13.52
CA ASN A 201 10.29 -3.97 -13.10
C ASN A 201 8.86 -3.71 -13.56
N SER A 202 8.52 -2.44 -13.79
CA SER A 202 7.20 -2.11 -14.33
C SER A 202 7.02 -2.69 -15.73
N ALA A 203 8.08 -2.66 -16.55
CA ALA A 203 7.99 -3.21 -17.90
C ALA A 203 7.98 -4.74 -17.88
N TRP A 204 8.69 -5.36 -16.95
CA TRP A 204 8.56 -6.79 -16.74
C TRP A 204 7.12 -7.16 -16.39
N GLY A 205 6.49 -6.40 -15.48
CA GLY A 205 5.08 -6.65 -15.18
C GLY A 205 4.18 -6.55 -16.41
N TRP A 206 4.45 -5.57 -17.28
CA TRP A 206 3.67 -5.41 -18.52
C TRP A 206 3.89 -6.60 -19.45
N ARG A 207 5.14 -7.08 -19.57
CA ARG A 207 5.38 -8.26 -20.39
C ARG A 207 4.56 -9.44 -19.90
N TRP A 208 4.44 -9.62 -18.58
CA TRP A 208 3.65 -10.70 -18.02
C TRP A 208 2.19 -10.60 -18.46
N TYR A 209 1.62 -9.40 -18.42
CA TYR A 209 0.26 -9.21 -18.94
C TYR A 209 0.18 -9.59 -20.41
N LEU A 210 1.12 -9.08 -21.21
CA LEU A 210 1.05 -9.28 -22.65
C LEU A 210 1.22 -10.74 -23.03
N ARG A 211 2.08 -11.46 -22.31
CA ARG A 211 2.47 -12.80 -22.72
C ARG A 211 1.77 -13.90 -21.93
N VAL A 212 1.32 -13.64 -20.70
CA VAL A 212 0.86 -14.70 -19.82
C VAL A 212 -0.57 -14.48 -19.32
N SER A 213 -0.85 -13.33 -18.69
CA SER A 213 -2.09 -13.22 -17.92
C SER A 213 -3.28 -12.73 -18.74
N ARG A 214 -3.08 -11.91 -19.78
CA ARG A 214 -4.23 -11.40 -20.51
C ARG A 214 -5.02 -12.57 -21.12
N PRO A 215 -6.35 -12.49 -21.15
CA PRO A 215 -7.14 -13.66 -21.58
C PRO A 215 -6.86 -14.11 -23.01
N GLY A 216 -6.42 -13.21 -23.89
CA GLY A 216 -6.19 -13.60 -25.27
C GLY A 216 -4.81 -14.18 -25.56
N ALA A 217 -3.94 -14.28 -24.54
CA ALA A 217 -2.58 -14.74 -24.78
C ALA A 217 -2.55 -16.17 -25.31
N GLU A 218 -1.60 -16.44 -26.19
CA GLU A 218 -1.39 -17.79 -26.72
C GLU A 218 -0.61 -18.62 -25.71
N THR A 219 -1.07 -19.85 -25.47
CA THR A 219 -0.29 -20.83 -24.70
C THR A 219 -0.09 -22.05 -25.58
N SER A 220 1.11 -22.18 -26.14
CA SER A 220 1.45 -23.30 -26.98
C SER A 220 2.83 -23.80 -26.58
N SER A 221 3.28 -24.86 -27.26
CA SER A 221 4.63 -25.35 -27.02
C SER A 221 5.67 -24.36 -27.51
N ARG A 222 5.42 -23.67 -28.63
CA ARG A 222 6.37 -22.69 -29.13
C ARG A 222 6.46 -21.46 -28.24
N SER A 223 5.31 -20.96 -27.77
CA SER A 223 5.32 -19.74 -26.97
C SER A 223 6.06 -19.95 -25.65
N LEU A 224 5.89 -21.12 -25.03
CA LEU A 224 6.63 -21.44 -23.82
C LEU A 224 8.13 -21.49 -24.09
N GLN A 225 8.52 -22.06 -25.22
CA GLN A 225 9.93 -22.08 -25.60
C GLN A 225 10.46 -20.67 -25.82
N ASP A 226 9.73 -19.87 -26.61
CA ASP A 226 10.12 -18.48 -26.85
C ASP A 226 10.29 -17.73 -25.52
N GLU A 227 9.29 -17.86 -24.64
CA GLU A 227 9.33 -17.11 -23.39
C GLU A 227 10.55 -17.50 -22.56
N LEU A 228 10.81 -18.80 -22.43
CA LEU A 228 11.96 -19.24 -21.64
C LEU A 228 13.27 -18.73 -22.25
N ILE A 229 13.35 -18.67 -23.58
CA ILE A 229 14.54 -18.13 -24.24
C ILE A 229 14.75 -16.66 -23.85
N TYR A 230 13.68 -15.86 -23.94
CA TYR A 230 13.78 -14.45 -23.57
C TYR A 230 14.19 -14.29 -22.12
N ILE A 231 13.61 -15.10 -21.22
CA ILE A 231 13.93 -14.98 -19.80
C ILE A 231 15.40 -15.30 -19.57
N LEU A 232 15.84 -16.45 -20.08
CA LEU A 232 17.22 -16.88 -19.84
C LEU A 232 18.22 -15.91 -20.47
N LYS A 233 17.96 -15.44 -21.68
CA LYS A 233 18.83 -14.42 -22.28
C LYS A 233 18.92 -13.19 -21.38
N SER A 234 17.79 -12.77 -20.79
CA SER A 234 17.79 -11.58 -19.95
C SER A 234 18.65 -11.78 -18.71
N ILE A 235 18.56 -12.96 -18.09
CA ILE A 235 19.39 -13.28 -16.94
C ILE A 235 20.87 -13.26 -17.31
N HIS A 236 21.22 -13.88 -18.45
CA HIS A 236 22.63 -13.90 -18.85
C HIS A 236 23.16 -12.51 -19.17
N LEU A 237 22.29 -11.60 -19.61
CA LEU A 237 22.71 -10.21 -19.81
C LEU A 237 22.94 -9.49 -18.48
N ILE A 238 22.05 -9.68 -17.51
CA ILE A 238 22.18 -9.03 -16.20
C ILE A 238 21.99 -10.07 -15.10
N PRO A 239 23.03 -10.83 -14.75
CA PRO A 239 22.86 -11.93 -13.79
C PRO A 239 22.32 -11.52 -12.43
N HIS A 240 22.53 -10.29 -11.99
CA HIS A 240 22.07 -9.87 -10.66
C HIS A 240 20.73 -9.14 -10.70
N ASN A 241 20.03 -9.18 -11.83
CA ASN A 241 18.75 -8.46 -11.99
C ASN A 241 17.61 -9.26 -11.34
N VAL A 242 17.15 -8.78 -10.17
CA VAL A 242 16.09 -9.47 -9.43
C VAL A 242 14.82 -9.59 -10.26
N SER A 243 14.53 -8.59 -11.11
CA SER A 243 13.33 -8.63 -11.94
C SER A 243 13.28 -9.86 -12.83
N ALA A 244 14.42 -10.23 -13.42
CA ALA A 244 14.47 -11.39 -14.31
C ALA A 244 14.34 -12.69 -13.54
N TRP A 245 14.98 -12.80 -12.37
CA TRP A 245 14.83 -14.00 -11.55
C TRP A 245 13.38 -14.20 -11.10
N ASN A 246 12.71 -13.13 -10.65
CA ASN A 246 11.33 -13.27 -10.20
C ASN A 246 10.43 -13.67 -11.36
N TYR A 247 10.67 -13.11 -12.54
CA TYR A 247 9.88 -13.48 -13.69
C TYR A 247 10.09 -14.95 -14.05
N LEU A 248 11.33 -15.42 -14.01
CA LEU A 248 11.61 -16.83 -14.25
C LEU A 248 10.87 -17.73 -13.25
N ARG A 249 10.93 -17.40 -11.97
CA ARG A 249 10.28 -18.25 -10.97
C ARG A 249 8.77 -18.21 -11.11
N GLY A 250 8.21 -17.02 -11.34
CA GLY A 250 6.78 -16.94 -11.59
C GLY A 250 6.38 -17.73 -12.81
N PHE A 251 7.18 -17.65 -13.87
CA PHE A 251 6.88 -18.36 -15.12
C PHE A 251 6.80 -19.86 -14.88
N LEU A 252 7.85 -20.44 -14.28
CA LEU A 252 7.89 -21.89 -14.08
C LEU A 252 6.74 -22.34 -13.19
N LYS A 253 6.49 -21.60 -12.12
CA LYS A 253 5.42 -21.96 -11.19
C LYS A 253 4.05 -21.88 -11.87
N HIS A 254 3.80 -20.79 -12.60
CA HIS A 254 2.49 -20.59 -13.22
C HIS A 254 2.14 -21.73 -14.17
N PHE A 255 3.12 -22.22 -14.94
CA PHE A 255 2.88 -23.26 -15.93
C PHE A 255 3.27 -24.65 -15.44
N SER A 256 3.61 -24.79 -14.15
CA SER A 256 3.97 -26.08 -13.56
C SER A 256 5.10 -26.76 -14.33
N LEU A 257 6.14 -25.98 -14.62
CA LEU A 257 7.28 -26.53 -15.34
C LEU A 257 8.38 -26.91 -14.35
N PRO A 258 9.00 -28.08 -14.52
CA PRO A 258 10.05 -28.49 -13.58
C PRO A 258 11.26 -27.59 -13.68
N LEU A 259 11.99 -27.48 -12.56
CA LEU A 259 13.18 -26.65 -12.49
C LEU A 259 14.43 -27.36 -12.97
N VAL A 260 14.51 -28.68 -12.81
CA VAL A 260 15.75 -29.40 -13.09
C VAL A 260 16.21 -29.26 -14.53
N PRO A 261 15.36 -29.47 -15.57
CA PRO A 261 15.89 -29.42 -16.95
C PRO A 261 16.60 -28.13 -17.31
N ILE A 262 16.31 -27.04 -16.58
CA ILE A 262 16.89 -25.73 -16.85
C ILE A 262 18.17 -25.49 -16.06
N LEU A 263 18.46 -26.32 -15.06
CA LEU A 263 19.60 -26.18 -14.14
C LEU A 263 20.94 -25.94 -14.83
N PRO A 264 21.21 -26.52 -16.01
CA PRO A 264 22.48 -26.17 -16.70
C PRO A 264 22.71 -24.68 -16.92
N ALA A 265 21.66 -23.91 -17.19
CA ALA A 265 21.82 -22.49 -17.41
C ALA A 265 21.96 -21.71 -16.10
N ILE A 266 21.65 -22.33 -14.96
CA ILE A 266 21.63 -21.64 -13.67
C ILE A 266 22.89 -21.98 -12.88
N LEU A 267 23.37 -23.22 -13.02
CA LEU A 267 24.49 -23.68 -12.20
C LEU A 267 25.73 -22.80 -12.25
N PRO A 268 26.15 -22.24 -13.41
CA PRO A 268 27.33 -21.37 -13.39
C PRO A 268 27.21 -20.17 -12.45
N TYR A 269 26.01 -19.79 -12.04
CA TYR A 269 25.86 -18.66 -11.15
C TYR A 269 25.91 -19.06 -9.67
N THR A 270 26.07 -20.35 -9.38
CA THR A 270 26.04 -20.84 -8.01
C THR A 270 27.43 -21.17 -7.46
N ALA A 271 28.48 -20.89 -8.23
CA ALA A 271 29.84 -21.30 -7.84
C ALA A 271 30.37 -20.50 -6.66
N PHE A 284 20.99 -28.12 -22.86
CA PHE A 284 20.30 -28.34 -24.13
C PHE A 284 20.48 -27.16 -25.06
N GLY A 285 19.39 -26.79 -25.73
CA GLY A 285 19.37 -25.67 -26.65
C GLY A 285 19.00 -24.34 -26.05
N PHE A 286 18.73 -24.28 -24.75
CA PHE A 286 18.35 -22.99 -24.21
C PHE A 286 19.59 -22.15 -23.90
N PRO A 287 19.46 -20.82 -23.94
CA PRO A 287 20.63 -19.95 -23.78
C PRO A 287 21.46 -20.30 -22.55
N MET A 288 22.77 -20.22 -22.71
CA MET A 288 23.75 -20.50 -21.67
C MET A 288 24.51 -19.23 -21.30
N PRO A 289 25.11 -19.17 -20.11
CA PRO A 289 25.89 -17.99 -19.73
C PRO A 289 27.10 -17.81 -20.64
N SER A 290 27.60 -16.58 -20.69
CA SER A 290 28.81 -16.29 -21.45
C SER A 290 29.98 -17.08 -20.90
N ASP A 291 30.88 -17.52 -21.79
CA ASP A 291 31.99 -18.39 -21.38
C ASP A 291 32.88 -17.72 -20.35
N PRO A 292 33.41 -16.51 -20.57
CA PRO A 292 33.72 -15.67 -19.40
C PRO A 292 32.48 -14.88 -19.05
N LEU A 293 32.04 -14.93 -17.80
CA LEU A 293 30.91 -14.12 -17.39
C LEU A 293 31.26 -12.65 -17.57
N PRO A 294 30.27 -11.78 -17.74
CA PRO A 294 30.56 -10.35 -17.82
C PRO A 294 31.30 -9.86 -16.57
N GLU A 295 32.08 -8.80 -16.75
CA GLU A 295 32.76 -8.18 -15.62
C GLU A 295 31.74 -7.68 -14.60
N ASP A 296 32.21 -7.55 -13.36
CA ASP A 296 31.38 -7.08 -12.23
C ASP A 296 30.20 -8.02 -12.00
N THR A 297 30.48 -9.32 -11.95
CA THR A 297 29.49 -10.36 -11.67
C THR A 297 30.01 -11.27 -10.56
N PRO A 298 30.05 -10.78 -9.32
CA PRO A 298 30.53 -11.62 -8.22
C PRO A 298 29.58 -12.79 -7.99
N LEU A 299 30.17 -13.93 -7.61
CA LEU A 299 29.46 -15.19 -7.42
C LEU A 299 29.55 -15.64 -5.96
N PRO A 300 28.57 -16.40 -5.47
CA PRO A 300 27.37 -16.83 -6.20
C PRO A 300 26.26 -15.80 -6.19
N VAL A 301 25.35 -15.91 -7.15
CA VAL A 301 24.16 -15.08 -7.21
C VAL A 301 23.14 -15.67 -6.24
N PRO A 302 22.72 -14.94 -5.20
CA PRO A 302 21.84 -15.55 -4.18
C PRO A 302 20.58 -16.17 -4.75
N LEU A 303 19.89 -15.52 -5.70
CA LEU A 303 18.69 -16.14 -6.25
C LEU A 303 19.01 -17.35 -7.13
N ALA A 304 20.24 -17.48 -7.61
CA ALA A 304 20.64 -18.73 -8.24
C ALA A 304 20.70 -19.86 -7.23
N LEU A 305 21.26 -19.59 -6.04
CA LEU A 305 21.24 -20.57 -4.96
C LEU A 305 19.82 -20.96 -4.57
N GLU A 306 18.91 -19.97 -4.48
CA GLU A 306 17.51 -20.30 -4.18
C GLU A 306 16.95 -21.25 -5.24
N TYR A 307 17.27 -21.00 -6.51
CA TYR A 307 16.85 -21.90 -7.57
C TYR A 307 17.39 -23.31 -7.35
N LEU A 308 18.70 -23.41 -7.05
CA LEU A 308 19.31 -24.71 -6.79
C LEU A 308 18.63 -25.42 -5.62
N ALA A 309 18.43 -24.71 -4.50
CA ALA A 309 17.77 -25.34 -3.36
C ALA A 309 16.39 -25.86 -3.73
N ASP A 310 15.58 -25.03 -4.39
CA ASP A 310 14.25 -25.47 -4.81
C ASP A 310 14.31 -26.63 -5.79
N SER A 311 15.34 -26.68 -6.65
CA SER A 311 15.43 -27.81 -7.56
C SER A 311 15.85 -29.07 -6.81
N PHE A 312 16.68 -28.93 -5.78
CA PHE A 312 16.95 -30.06 -4.90
C PHE A 312 15.65 -30.58 -4.28
N ILE A 313 14.82 -29.65 -3.77
CA ILE A 313 13.54 -30.04 -3.16
C ILE A 313 12.66 -30.74 -4.18
N GLU A 314 12.67 -30.25 -5.43
CA GLU A 314 11.95 -30.94 -6.49
C GLU A 314 12.46 -32.37 -6.68
N GLN A 315 13.74 -32.62 -6.39
CA GLN A 315 14.30 -33.97 -6.46
C GLN A 315 14.15 -34.73 -5.15
N ASN A 316 13.41 -34.19 -4.18
CA ASN A 316 13.25 -34.80 -2.86
C ASN A 316 14.59 -34.99 -2.15
N ARG A 317 15.60 -34.20 -2.53
CA ARG A 317 16.88 -34.21 -1.84
C ARG A 317 16.92 -33.07 -0.80
N VAL A 318 16.20 -33.31 0.30
CA VAL A 318 15.98 -32.27 1.31
C VAL A 318 17.27 -31.87 2.01
N ASP A 319 18.21 -32.80 2.19
CA ASP A 319 19.46 -32.48 2.87
C ASP A 319 20.34 -31.59 2.00
N ASP A 320 20.37 -31.85 0.69
CA ASP A 320 21.10 -30.96 -0.21
C ASP A 320 20.47 -29.57 -0.24
N ALA A 321 19.14 -29.50 -0.24
CA ALA A 321 18.47 -28.20 -0.20
C ALA A 321 18.77 -27.48 1.11
N ALA A 322 18.72 -28.20 2.23
CA ALA A 322 18.98 -27.60 3.53
C ALA A 322 20.39 -27.04 3.62
N LYS A 323 21.36 -27.74 3.02
CA LYS A 323 22.73 -27.23 3.01
C LYS A 323 22.83 -25.93 2.23
N VAL A 324 22.05 -25.80 1.14
CA VAL A 324 22.11 -24.56 0.36
C VAL A 324 21.44 -23.43 1.13
N PHE A 325 20.31 -23.71 1.78
CA PHE A 325 19.65 -22.68 2.57
C PHE A 325 20.55 -22.21 3.71
N GLU A 326 21.30 -23.13 4.32
CA GLU A 326 22.18 -22.77 5.42
C GLU A 326 23.28 -21.82 4.96
N LYS A 327 23.80 -22.01 3.74
CA LYS A 327 24.81 -21.11 3.19
C LYS A 327 24.22 -19.74 2.85
N LEU A 328 23.01 -19.71 2.29
CA LEU A 328 22.34 -18.44 2.08
C LEU A 328 22.16 -17.69 3.40
N SER A 329 21.81 -18.42 4.46
CA SER A 329 21.53 -17.81 5.75
C SER A 329 22.80 -17.28 6.41
N SER A 330 23.89 -18.05 6.40
CA SER A 330 25.08 -17.68 7.15
C SER A 330 26.16 -17.00 6.32
N GLU A 331 26.16 -17.14 4.98
CA GLU A 331 27.23 -16.60 4.16
C GLU A 331 26.75 -15.62 3.09
N TYR A 332 25.81 -16.03 2.21
CA TYR A 332 25.67 -15.35 0.93
C TYR A 332 24.53 -14.35 0.87
N ASP A 333 23.52 -14.45 1.74
CA ASP A 333 22.40 -13.51 1.78
C ASP A 333 22.02 -13.22 3.23
N GLN A 334 22.99 -12.77 4.03
CA GLN A 334 22.84 -12.69 5.48
C GLN A 334 21.77 -11.71 5.94
N MET A 335 21.38 -10.72 5.13
CA MET A 335 20.26 -9.87 5.53
C MET A 335 18.99 -10.69 5.75
N ARG A 336 18.82 -11.79 5.02
CA ARG A 336 17.67 -12.68 5.19
C ARG A 336 18.04 -13.94 5.97
N ALA A 337 18.99 -13.83 6.92
CA ALA A 337 19.46 -15.01 7.65
C ALA A 337 18.32 -15.79 8.29
N GLY A 338 17.35 -15.09 8.87
CA GLY A 338 16.25 -15.77 9.53
C GLY A 338 15.30 -16.46 8.58
N TYR A 339 14.95 -15.80 7.46
CA TYR A 339 14.10 -16.42 6.47
C TYR A 339 14.75 -17.68 5.88
N TRP A 340 16.04 -17.60 5.54
CA TRP A 340 16.69 -18.78 4.98
C TRP A 340 16.86 -19.89 6.02
N GLU A 341 17.01 -19.53 7.30
CA GLU A 341 17.02 -20.53 8.36
C GLU A 341 15.65 -21.18 8.51
N PHE A 342 14.58 -20.38 8.40
CA PHE A 342 13.23 -20.95 8.37
C PHE A 342 13.08 -21.94 7.23
N ARG A 343 13.57 -21.59 6.04
CA ARG A 343 13.50 -22.53 4.92
C ARG A 343 14.35 -23.77 5.18
N ARG A 344 15.51 -23.61 5.82
CA ARG A 344 16.33 -24.77 6.17
C ARG A 344 15.57 -25.72 7.08
N ARG A 345 14.93 -25.19 8.12
CA ARG A 345 14.24 -26.05 9.09
C ARG A 345 13.08 -26.79 8.44
N GLU A 346 12.37 -26.15 7.50
CA GLU A 346 11.27 -26.82 6.82
C GLU A 346 11.72 -28.09 6.12
N CYS A 347 12.99 -28.16 5.71
CA CYS A 347 13.47 -29.36 5.05
C CYS A 347 13.44 -30.57 5.96
N ALA A 348 13.38 -30.38 7.28
CA ALA A 348 13.33 -31.48 8.23
C ALA A 348 11.90 -31.84 8.61
N ALA B 2 18.54 -13.76 20.79
CA ALA B 2 17.38 -13.25 20.06
C ALA B 2 17.79 -12.66 18.72
N THR B 3 19.09 -12.34 18.59
CA THR B 3 19.61 -11.63 17.43
C THR B 3 20.56 -12.47 16.58
N GLU B 4 20.56 -13.79 16.76
CA GLU B 4 21.53 -14.62 16.04
C GLU B 4 21.29 -14.59 14.53
N PHE B 5 20.03 -14.42 14.12
CA PHE B 5 19.68 -14.37 12.72
C PHE B 5 19.28 -12.98 12.27
N THR B 6 19.54 -11.95 13.09
CA THR B 6 19.29 -10.56 12.75
C THR B 6 20.61 -9.81 12.87
N PRO B 7 21.54 -9.99 11.94
CA PRO B 7 22.85 -9.32 12.05
C PRO B 7 22.72 -7.81 11.88
N SER B 8 23.47 -7.08 12.69
CA SER B 8 23.58 -5.64 12.52
C SER B 8 24.22 -5.28 11.18
N VAL B 9 23.75 -4.18 10.61
CA VAL B 9 24.32 -3.65 9.38
C VAL B 9 25.82 -3.38 9.53
N TYR B 10 26.23 -2.89 10.70
CA TYR B 10 27.65 -2.59 10.94
C TYR B 10 28.53 -3.84 11.00
N SER B 11 27.95 -5.03 11.14
CA SER B 11 28.72 -6.27 11.23
C SER B 11 28.81 -7.00 9.91
N LEU B 12 28.18 -6.49 8.85
CA LEU B 12 28.17 -7.11 7.54
C LEU B 12 29.02 -6.29 6.56
N VAL B 13 29.59 -6.96 5.58
CA VAL B 13 30.33 -6.26 4.54
C VAL B 13 29.36 -5.52 3.64
N SER B 14 29.58 -4.20 3.46
CA SER B 14 28.77 -3.39 2.58
C SER B 14 29.39 -3.40 1.19
N LYS B 15 28.61 -3.79 0.19
CA LYS B 15 29.02 -3.80 -1.21
C LYS B 15 27.90 -3.21 -2.06
N PRO B 16 28.25 -2.49 -3.13
CA PRO B 16 27.22 -1.99 -4.05
C PRO B 16 26.53 -3.13 -4.79
N LEU B 17 25.30 -2.88 -5.23
CA LEU B 17 24.64 -3.76 -6.18
C LEU B 17 25.53 -3.91 -7.42
N PRO B 18 25.92 -5.13 -7.80
CA PRO B 18 26.79 -5.29 -8.96
C PRO B 18 26.13 -4.82 -10.26
N SER B 19 26.96 -4.38 -11.19
CA SER B 19 26.49 -3.82 -12.45
C SER B 19 26.42 -4.83 -13.59
N ASN B 20 27.18 -5.92 -13.51
CA ASN B 20 27.30 -6.88 -14.62
C ASN B 20 27.75 -6.21 -15.90
N SER B 21 28.43 -5.05 -15.79
CA SER B 21 28.89 -4.26 -16.94
C SER B 21 27.75 -3.75 -17.82
N ARG B 22 26.56 -3.57 -17.23
CA ARG B 22 25.37 -3.14 -17.96
C ARG B 22 24.77 -1.93 -17.28
N PRO B 23 25.21 -0.72 -17.62
CA PRO B 23 24.65 0.47 -16.97
C PRO B 23 23.19 0.66 -17.37
N SER B 24 22.42 1.26 -16.45
CA SER B 24 21.07 1.68 -16.78
C SER B 24 20.64 2.75 -15.77
N ALA B 25 19.52 3.42 -16.09
CA ALA B 25 19.04 4.51 -15.24
C ALA B 25 18.71 4.02 -13.83
N THR B 26 18.12 2.82 -13.71
CA THR B 26 17.85 2.22 -12.41
C THR B 26 19.13 2.10 -11.57
N LEU B 27 20.22 1.65 -12.19
CA LEU B 27 21.46 1.43 -11.46
C LEU B 27 22.13 2.75 -11.09
N ASP B 28 22.05 3.75 -11.96
CA ASP B 28 22.51 5.09 -11.60
C ASP B 28 21.86 5.57 -10.30
N GLU B 29 20.54 5.44 -10.20
CA GLU B 29 19.86 5.93 -9.00
C GLU B 29 20.15 5.07 -7.79
N GLN B 30 20.20 3.75 -7.99
CA GLN B 30 20.54 2.84 -6.90
C GLN B 30 21.92 3.15 -6.32
N ALA B 31 22.91 3.39 -7.18
CA ALA B 31 24.26 3.62 -6.70
C ALA B 31 24.37 4.95 -5.97
N GLU B 32 23.70 5.98 -6.46
CA GLU B 32 23.70 7.26 -5.76
C GLU B 32 23.05 7.15 -4.38
N THR B 33 21.98 6.36 -4.28
CA THR B 33 21.31 6.17 -2.99
C THR B 33 22.18 5.35 -2.04
N GLU B 34 22.87 4.33 -2.56
CA GLU B 34 23.83 3.58 -1.75
C GLU B 34 24.89 4.49 -1.17
N ASP B 35 25.40 5.43 -1.97
CA ASP B 35 26.38 6.37 -1.47
C ASP B 35 25.80 7.24 -0.37
N LEU B 36 24.58 7.73 -0.56
CA LEU B 36 23.94 8.61 0.42
C LEU B 36 23.78 7.92 1.76
N ILE B 37 23.20 6.71 1.76
CA ILE B 37 22.90 6.01 3.01
C ILE B 37 24.18 5.52 3.68
N SER B 38 25.08 4.90 2.91
CA SER B 38 26.29 4.34 3.52
C SER B 38 27.17 5.42 4.12
N GLN B 39 27.20 6.61 3.52
CA GLN B 39 27.99 7.70 4.09
C GLN B 39 27.44 8.16 5.44
N LEU B 40 26.10 8.16 5.59
CA LEU B 40 25.53 8.59 6.85
C LEU B 40 25.78 7.55 7.95
N PHE B 41 25.71 6.26 7.59
CA PHE B 41 26.08 5.20 8.52
C PHE B 41 27.55 5.32 8.95
N ASP B 42 28.45 5.66 8.01
CA ASP B 42 29.86 5.81 8.33
C ASP B 42 30.11 6.96 9.30
N LEU B 43 29.26 8.00 9.27
CA LEU B 43 29.38 9.13 10.19
C LEU B 43 28.70 8.89 11.53
N THR B 44 27.97 7.79 11.70
CA THR B 44 27.15 7.56 12.89
C THR B 44 27.72 6.43 13.72
N ALA B 45 27.76 6.63 15.04
CA ALA B 45 28.21 5.55 15.91
C ALA B 45 27.27 4.37 15.84
N ASP B 46 27.84 3.17 15.80
CA ASP B 46 27.07 1.93 15.83
C ASP B 46 26.14 1.94 17.06
N PRO B 47 24.82 1.87 16.88
CA PRO B 47 23.91 1.91 18.02
C PRO B 47 24.08 0.75 18.99
N ASN B 48 24.70 -0.34 18.56
CA ASN B 48 24.85 -1.51 19.42
C ASN B 48 26.06 -1.44 20.35
N ALA B 49 26.75 -0.29 20.44
CA ALA B 49 27.93 -0.16 21.29
C ALA B 49 27.57 0.28 22.70
N LEU B 50 28.30 -0.27 23.69
CA LEU B 50 28.04 0.04 25.10
C LEU B 50 28.45 1.47 25.47
N VAL B 51 29.49 2.00 24.83
CA VAL B 51 29.87 3.39 24.96
C VAL B 51 29.89 4.00 23.56
N SER B 52 29.08 5.03 23.35
CA SER B 52 28.99 5.66 22.04
C SER B 52 30.32 6.29 21.65
N GLU B 53 30.70 6.09 20.38
CA GLU B 53 32.03 6.47 19.91
C GLU B 53 32.19 7.99 19.85
N HIS B 54 33.39 8.45 20.23
CA HIS B 54 33.73 9.87 20.23
C HIS B 54 34.02 10.33 18.81
N GLY B 55 33.43 11.48 18.43
CA GLY B 55 33.54 12.01 17.08
C GLY B 55 32.37 11.69 16.15
N LYS B 56 31.61 10.62 16.42
CA LYS B 56 30.54 10.22 15.52
C LYS B 56 29.18 10.74 16.01
N ARG B 57 28.19 10.67 15.13
CA ARG B 57 26.84 11.07 15.50
C ARG B 57 26.20 10.02 16.40
N TYR B 58 25.43 10.47 17.40
CA TYR B 58 24.68 9.56 18.25
C TYR B 58 23.30 9.31 17.65
N SER B 59 22.93 8.03 17.53
CA SER B 59 21.75 7.61 16.77
C SER B 59 20.49 7.48 17.62
N GLY B 60 20.54 7.81 18.92
CA GLY B 60 19.38 7.66 19.76
C GLY B 60 18.12 8.32 19.20
N LEU B 61 16.97 7.69 19.42
CA LEU B 61 15.71 8.23 18.93
C LEU B 61 15.42 9.57 19.57
N ARG B 62 15.28 10.61 18.74
CA ARG B 62 15.18 11.98 19.25
C ARG B 62 13.70 12.33 19.47
N LYS B 63 13.13 11.69 20.50
CA LYS B 63 11.67 11.68 20.68
C LYS B 63 11.11 13.08 20.90
N GLN B 64 11.85 13.92 21.61
CA GLN B 64 11.37 15.27 21.88
C GLN B 64 11.42 16.14 20.63
N GLU B 65 12.45 15.98 19.80
CA GLU B 65 12.45 16.67 18.52
C GLU B 65 11.26 16.24 17.67
N HIS B 66 10.96 14.95 17.65
CA HIS B 66 9.85 14.47 16.85
C HIS B 66 8.51 14.96 17.40
N THR B 67 8.38 15.05 18.73
CA THR B 67 7.18 15.61 19.35
C THR B 67 6.98 17.06 18.94
N GLN B 68 8.03 17.87 19.00
CA GLN B 68 7.92 19.26 18.58
C GLN B 68 7.63 19.38 17.09
N PHE B 69 8.16 18.47 16.26
CA PHE B 69 7.82 18.49 14.83
C PHE B 69 6.33 18.31 14.63
N LEU B 70 5.72 17.38 15.35
CA LEU B 70 4.28 17.14 15.21
C LEU B 70 3.42 18.26 15.80
N ALA B 71 3.98 19.11 16.68
CA ALA B 71 3.14 20.05 17.45
C ALA B 71 2.43 21.08 16.56
N SER B 72 3.00 21.43 15.41
CA SER B 72 2.34 22.39 14.54
C SER B 72 0.91 21.96 14.15
N SER B 73 0.63 20.64 14.16
CA SER B 73 -0.70 20.16 13.84
C SER B 73 -1.77 20.83 14.69
N PHE B 74 -1.48 21.14 15.94
CA PHE B 74 -2.46 21.75 16.83
C PHE B 74 -2.40 23.27 16.85
N PHE B 75 -1.58 23.87 15.97
CA PHE B 75 -1.65 25.31 15.76
C PHE B 75 -2.07 25.66 14.35
N GLN B 76 -1.26 25.33 13.34
CA GLN B 76 -1.55 25.64 11.94
C GLN B 76 -0.42 25.11 11.07
N LEU B 77 -0.73 24.91 9.78
CA LEU B 77 0.20 24.42 8.78
C LEU B 77 0.38 25.47 7.69
N PRO B 78 1.59 25.62 7.16
CA PRO B 78 1.82 26.63 6.11
C PRO B 78 0.99 26.37 4.87
N GLY B 79 0.88 27.40 4.04
CA GLY B 79 0.03 27.33 2.86
C GLY B 79 0.40 26.25 1.87
N LYS B 80 1.65 25.76 1.92
CA LYS B 80 2.06 24.71 1.00
C LYS B 80 1.37 23.38 1.29
N PHE B 81 0.77 23.23 2.48
CA PHE B 81 -0.03 22.06 2.83
C PHE B 81 -1.36 21.97 2.06
N VAL B 82 -1.68 22.94 1.20
CA VAL B 82 -2.97 22.89 0.51
C VAL B 82 -3.10 21.60 -0.31
N SER B 83 -1.96 21.04 -0.75
CA SER B 83 -2.00 19.78 -1.50
C SER B 83 -2.58 18.65 -0.67
N LEU B 84 -2.64 18.80 0.65
CA LEU B 84 -3.26 17.83 1.55
C LEU B 84 -4.60 18.32 2.10
N ASP B 85 -5.18 19.37 1.50
CA ASP B 85 -6.44 19.90 2.00
C ASP B 85 -7.57 18.87 1.93
N ALA B 86 -7.46 17.87 1.06
CA ALA B 86 -8.46 16.82 0.99
C ALA B 86 -8.06 15.58 1.79
N SER B 87 -7.06 15.70 2.65
CA SER B 87 -6.54 14.60 3.44
C SER B 87 -6.33 15.01 4.89
N ARG B 88 -7.11 15.98 5.37
CA ARG B 88 -6.89 16.46 6.73
C ARG B 88 -7.09 15.38 7.80
N PRO B 89 -8.03 14.43 7.68
CA PRO B 89 -8.04 13.31 8.64
C PRO B 89 -6.74 12.52 8.69
N TRP B 90 -6.01 12.43 7.56
CA TRP B 90 -4.70 11.77 7.58
C TRP B 90 -3.68 12.58 8.37
N LEU B 91 -3.75 13.92 8.27
CA LEU B 91 -2.90 14.75 9.10
C LEU B 91 -3.18 14.52 10.58
N VAL B 92 -4.46 14.36 10.94
CA VAL B 92 -4.80 14.04 12.31
C VAL B 92 -4.21 12.68 12.71
N PHE B 93 -4.48 11.65 11.89
CA PHE B 93 -4.06 10.30 12.24
C PHE B 93 -2.54 10.20 12.37
N TRP B 94 -1.82 10.72 11.37
CA TRP B 94 -0.35 10.68 11.41
C TRP B 94 0.16 11.33 12.69
N THR B 95 -0.48 12.41 13.12
CA THR B 95 -0.06 13.12 14.33
C THR B 95 -0.40 12.33 15.59
N VAL B 96 -1.67 11.94 15.75
CA VAL B 96 -2.09 11.39 17.03
C VAL B 96 -1.61 9.95 17.23
N HIS B 97 -1.44 9.18 16.14
CA HIS B 97 -0.86 7.86 16.28
C HIS B 97 0.62 7.94 16.55
N SER B 98 1.32 8.90 15.90
CA SER B 98 2.73 9.09 16.22
C SER B 98 2.92 9.47 17.68
N LEU B 99 2.05 10.32 18.20
CA LEU B 99 2.19 10.72 19.61
C LEU B 99 1.93 9.54 20.55
N ASP B 100 0.93 8.71 20.23
CA ASP B 100 0.73 7.45 20.97
C ASP B 100 1.99 6.58 20.97
N LEU B 101 2.59 6.38 19.80
CA LEU B 101 3.81 5.56 19.71
C LEU B 101 4.94 6.16 20.52
N LEU B 102 5.09 7.49 20.47
CA LEU B 102 6.14 8.16 21.21
C LEU B 102 5.85 8.28 22.70
N GLY B 103 4.66 7.89 23.15
CA GLY B 103 4.32 7.93 24.56
C GLY B 103 3.96 9.30 25.10
N VAL B 104 3.45 10.20 24.26
CA VAL B 104 3.14 11.57 24.64
C VAL B 104 1.63 11.73 24.71
N ALA B 105 1.12 12.12 25.87
CA ALA B 105 -0.32 12.29 26.07
C ALA B 105 -0.78 13.68 25.63
N LEU B 106 -1.94 13.73 24.99
CA LEU B 106 -2.66 14.98 24.76
C LEU B 106 -3.54 15.31 25.97
N ASP B 107 -3.66 16.60 26.30
CA ASP B 107 -4.62 16.91 27.35
C ASP B 107 -6.04 16.86 26.80
N GLN B 108 -7.02 16.87 27.72
CA GLN B 108 -8.40 16.56 27.34
C GLN B 108 -8.98 17.65 26.42
N GLY B 109 -8.64 18.90 26.67
CA GLY B 109 -9.10 19.97 25.80
C GLY B 109 -8.66 19.76 24.36
N THR B 110 -7.41 19.34 24.16
CA THR B 110 -6.89 19.11 22.82
C THR B 110 -7.54 17.89 22.18
N LYS B 111 -7.74 16.82 22.95
CA LYS B 111 -8.47 15.66 22.43
C LYS B 111 -9.88 16.05 22.01
N ASP B 112 -10.55 16.90 22.80
CA ASP B 112 -11.91 17.33 22.44
C ASP B 112 -11.91 18.13 21.15
N ARG B 113 -10.88 18.95 20.92
CA ARG B 113 -10.74 19.64 19.64
C ARG B 113 -10.57 18.66 18.48
N VAL B 114 -9.75 17.62 18.69
CA VAL B 114 -9.60 16.60 17.66
C VAL B 114 -10.96 15.98 17.33
N VAL B 115 -11.69 15.56 18.37
CA VAL B 115 -12.98 14.91 18.17
C VAL B 115 -13.93 15.83 17.44
N SER B 116 -14.02 17.09 17.89
CA SER B 116 -14.97 18.03 17.30
C SER B 116 -14.63 18.33 15.85
N THR B 117 -13.34 18.50 15.55
CA THR B 117 -12.95 18.75 14.16
C THR B 117 -13.38 17.60 13.25
N LEU B 118 -13.14 16.36 13.68
CA LEU B 118 -13.44 15.20 12.85
C LEU B 118 -14.94 15.02 12.67
N LEU B 119 -15.74 15.29 13.71
CA LEU B 119 -17.18 15.17 13.56
C LEU B 119 -17.74 16.19 12.58
N HIS B 120 -17.04 17.31 12.36
CA HIS B 120 -17.45 18.22 11.30
C HIS B 120 -17.18 17.65 9.90
N PHE B 121 -16.38 16.60 9.79
CA PHE B 121 -16.12 15.96 8.51
C PHE B 121 -17.09 14.83 8.20
N LEU B 122 -18.02 14.54 9.10
CA LEU B 122 -18.94 13.42 8.97
C LEU B 122 -20.21 13.87 8.28
N SER B 123 -20.58 13.18 7.18
CA SER B 123 -21.84 13.55 6.52
C SER B 123 -23.01 12.78 7.11
N PRO B 124 -24.17 13.45 7.27
CA PRO B 124 -25.39 12.73 7.67
C PRO B 124 -25.74 11.56 6.77
N LYS B 125 -25.46 11.65 5.47
CA LYS B 125 -25.79 10.55 4.57
C LYS B 125 -24.79 9.40 4.65
N GLY B 126 -23.67 9.57 5.37
CA GLY B 126 -22.75 8.47 5.64
C GLY B 126 -21.31 8.69 5.24
N GLY B 127 -20.39 8.47 6.18
CA GLY B 127 -18.96 8.52 5.90
C GLY B 127 -18.34 9.88 6.18
N PHE B 128 -17.01 9.86 6.34
CA PHE B 128 -16.20 11.06 6.54
C PHE B 128 -15.55 11.47 5.22
N GLY B 129 -15.44 12.79 5.01
CA GLY B 129 -14.65 13.32 3.91
C GLY B 129 -13.28 13.78 4.38
N GLY B 130 -12.50 14.29 3.42
CA GLY B 130 -11.18 14.83 3.71
C GLY B 130 -11.19 16.19 4.38
N GLY B 131 -12.37 16.74 4.61
CA GLY B 131 -12.52 18.02 5.25
C GLY B 131 -13.97 18.18 5.65
N PRO B 132 -14.37 19.41 5.96
CA PRO B 132 -15.74 19.67 6.40
C PRO B 132 -16.80 19.11 5.45
N ALA B 133 -17.86 18.55 6.04
CA ALA B 133 -18.94 17.98 5.24
C ALA B 133 -19.66 19.02 4.39
N ASN B 134 -19.51 20.32 4.67
CA ASN B 134 -20.10 21.31 3.78
C ASN B 134 -19.20 21.62 2.59
N SER B 135 -18.06 20.94 2.49
CA SER B 135 -17.06 21.24 1.46
C SER B 135 -16.64 20.00 0.69
N GLN B 136 -16.60 18.82 1.32
CA GLN B 136 -16.06 17.62 0.69
C GLN B 136 -17.03 16.45 0.86
N ILE B 137 -17.12 15.60 -0.17
CA ILE B 137 -18.00 14.42 -0.11
C ILE B 137 -17.27 13.31 0.64
N PRO B 138 -17.97 12.31 1.18
CA PRO B 138 -17.29 11.26 1.95
C PRO B 138 -16.40 10.38 1.06
N HIS B 139 -15.41 9.76 1.71
CA HIS B 139 -14.36 9.03 1.02
C HIS B 139 -13.89 7.92 1.96
N LEU B 140 -13.64 6.73 1.39
CA LEU B 140 -13.26 5.59 2.22
C LEU B 140 -11.96 5.84 2.98
N LEU B 141 -11.02 6.58 2.40
CA LEU B 141 -9.72 6.68 3.05
C LEU B 141 -9.76 7.65 4.24
N PRO B 142 -10.31 8.86 4.10
CA PRO B 142 -10.60 9.69 5.30
C PRO B 142 -11.51 9.02 6.31
N THR B 143 -12.42 8.13 5.87
CA THR B 143 -13.26 7.43 6.83
C THR B 143 -12.42 6.52 7.74
N TYR B 144 -11.47 5.78 7.19
CA TYR B 144 -10.54 5.02 8.03
C TYR B 144 -9.72 5.95 8.93
N ALA B 145 -9.14 7.01 8.36
CA ALA B 145 -8.28 7.87 9.16
C ALA B 145 -9.06 8.55 10.29
N SER B 146 -10.30 8.97 10.02
CA SER B 146 -11.12 9.61 11.05
C SER B 146 -11.53 8.63 12.13
N VAL B 147 -11.93 7.42 11.74
CA VAL B 147 -12.36 6.40 12.71
C VAL B 147 -11.20 6.01 13.62
N CYS B 148 -10.01 5.79 13.04
CA CYS B 148 -8.85 5.44 13.86
C CYS B 148 -8.45 6.60 14.78
N SER B 149 -8.52 7.83 14.27
CA SER B 149 -8.20 8.99 15.10
C SER B 149 -9.17 9.13 16.26
N LEU B 150 -10.46 8.83 16.04
CA LEU B 150 -11.42 8.85 17.12
C LEU B 150 -11.15 7.75 18.13
N ALA B 151 -10.68 6.58 17.67
CA ALA B 151 -10.23 5.56 18.62
C ALA B 151 -9.09 6.07 19.49
N ILE B 152 -8.19 6.89 18.93
CA ILE B 152 -7.00 7.36 19.65
C ILE B 152 -7.34 8.53 20.59
N ALA B 153 -8.20 9.44 20.15
CA ALA B 153 -8.45 10.68 20.87
C ALA B 153 -9.82 10.75 21.55
N GLY B 154 -10.77 9.88 21.20
CA GLY B 154 -12.11 9.97 21.72
C GLY B 154 -12.35 9.14 22.96
N ASN B 155 -13.62 9.06 23.37
CA ASN B 155 -14.01 8.36 24.58
C ASN B 155 -15.52 8.14 24.54
N ASP B 156 -16.03 7.45 25.57
CA ASP B 156 -17.42 7.02 25.57
C ASP B 156 -18.39 8.04 26.18
N SER B 157 -17.92 9.22 26.57
CA SER B 157 -18.80 10.23 27.16
C SER B 157 -19.62 10.92 26.07
N SER B 158 -20.40 11.93 26.50
CA SER B 158 -21.25 12.65 25.55
C SER B 158 -20.45 13.55 24.61
N THR B 159 -19.25 13.97 24.99
CA THR B 159 -18.40 14.77 24.10
C THR B 159 -17.26 13.96 23.47
N GLY B 160 -17.29 12.63 23.58
CA GLY B 160 -16.16 11.82 23.18
C GLY B 160 -16.18 11.30 21.76
N GLY B 161 -17.25 11.53 21.00
CA GLY B 161 -17.30 11.17 19.60
C GLY B 161 -17.73 9.74 19.30
N TRP B 162 -17.48 8.81 20.22
CA TRP B 162 -17.86 7.42 19.97
C TRP B 162 -19.37 7.25 19.89
N LYS B 163 -20.10 7.98 20.74
CA LYS B 163 -21.56 8.00 20.67
C LYS B 163 -22.05 8.46 19.30
N ASP B 164 -21.39 9.46 18.71
CA ASP B 164 -21.77 9.91 17.38
C ASP B 164 -21.49 8.86 16.32
N LEU B 165 -20.36 8.17 16.42
CA LEU B 165 -20.05 7.10 15.45
C LEU B 165 -21.10 6.00 15.51
N ALA B 166 -21.48 5.60 16.73
CA ALA B 166 -22.49 4.55 16.90
C ALA B 166 -23.80 4.95 16.24
N ALA B 167 -24.23 6.20 16.41
CA ALA B 167 -25.45 6.65 15.77
C ALA B 167 -25.33 6.71 14.25
N ALA B 168 -24.10 6.79 13.72
CA ALA B 168 -23.89 6.86 12.28
C ALA B 168 -23.72 5.50 11.62
N ARG B 169 -23.86 4.40 12.38
CA ARG B 169 -23.51 3.07 11.86
C ARG B 169 -24.33 2.73 10.61
N GLN B 170 -25.63 2.99 10.63
CA GLN B 170 -26.47 2.64 9.47
C GLN B 170 -26.11 3.49 8.25
N SER B 171 -25.88 4.79 8.44
CA SER B 171 -25.56 5.65 7.30
C SER B 171 -24.19 5.31 6.72
N ILE B 172 -23.19 5.06 7.59
CA ILE B 172 -21.88 4.62 7.11
C ILE B 172 -22.01 3.32 6.32
N TYR B 173 -22.79 2.37 6.83
CA TYR B 173 -23.03 1.13 6.10
C TYR B 173 -23.63 1.40 4.73
N GLU B 174 -24.60 2.32 4.67
CA GLU B 174 -25.24 2.63 3.38
C GLU B 174 -24.26 3.28 2.42
N PHE B 175 -23.36 4.14 2.94
CA PHE B 175 -22.28 4.67 2.11
C PHE B 175 -21.40 3.54 1.57
N PHE B 176 -21.03 2.59 2.44
CA PHE B 176 -20.21 1.46 2.01
C PHE B 176 -20.91 0.66 0.90
N MET B 177 -22.22 0.45 1.01
CA MET B 177 -22.93 -0.32 -0.03
C MET B 177 -23.08 0.48 -1.32
N ARG B 178 -23.18 1.82 -1.24
CA ARG B 178 -23.17 2.62 -2.46
C ARG B 178 -21.82 2.54 -3.18
N CYS B 179 -20.73 2.34 -2.44
CA CYS B 179 -19.41 2.21 -3.04
C CYS B 179 -19.18 0.85 -3.68
N LYS B 180 -20.00 -0.15 -3.33
CA LYS B 180 -19.71 -1.52 -3.71
C LYS B 180 -20.00 -1.77 -5.20
N ARG B 181 -19.04 -2.48 -5.89
CA ARG B 181 -19.17 -2.98 -7.26
C ARG B 181 -19.50 -4.47 -7.24
N PRO B 182 -20.22 -4.94 -8.27
CA PRO B 182 -20.58 -6.38 -8.31
C PRO B 182 -19.38 -7.32 -8.30
N ASP B 183 -18.24 -6.92 -8.85
CA ASP B 183 -17.08 -7.82 -8.91
C ASP B 183 -16.33 -7.92 -7.57
N GLY B 184 -16.71 -7.16 -6.56
CA GLY B 184 -16.02 -7.22 -5.27
C GLY B 184 -15.14 -6.03 -4.99
N GLY B 185 -14.95 -5.13 -5.95
CA GLY B 185 -14.26 -3.89 -5.65
C GLY B 185 -15.19 -2.87 -5.03
N PHE B 186 -14.59 -1.77 -4.52
CA PHE B 186 -15.29 -0.60 -4.04
C PHE B 186 -14.70 0.65 -4.70
N VAL B 187 -15.54 1.59 -5.10
CA VAL B 187 -15.04 2.93 -5.41
C VAL B 187 -14.71 3.63 -4.08
N VAL B 188 -13.67 4.46 -4.08
CA VAL B 188 -13.31 5.13 -2.83
C VAL B 188 -14.27 6.26 -2.49
N CYS B 189 -14.98 6.78 -3.48
CA CYS B 189 -15.96 7.84 -3.27
C CYS B 189 -16.84 7.85 -4.51
N GLU B 190 -17.89 8.66 -4.46
CA GLU B 190 -18.76 8.76 -5.63
C GLU B 190 -17.94 9.15 -6.85
N GLY B 191 -18.00 8.32 -7.89
CA GLY B 191 -17.22 8.52 -9.10
C GLY B 191 -15.72 8.32 -8.96
N GLY B 192 -15.25 7.66 -7.90
CA GLY B 192 -13.83 7.56 -7.61
C GLY B 192 -13.21 6.24 -8.05
N GLU B 193 -11.90 6.14 -7.85
CA GLU B 193 -11.13 4.99 -8.32
C GLU B 193 -11.37 3.76 -7.45
N VAL B 194 -11.05 2.58 -8.02
CA VAL B 194 -11.28 1.28 -7.39
C VAL B 194 -9.93 0.62 -7.14
N ASP B 195 -9.58 0.40 -5.87
CA ASP B 195 -8.36 -0.35 -5.58
C ASP B 195 -8.38 -0.86 -4.14
N VAL B 196 -7.37 -1.65 -3.79
CA VAL B 196 -7.39 -2.33 -2.51
C VAL B 196 -7.18 -1.40 -1.33
N ARG B 197 -6.75 -0.14 -1.56
CA ARG B 197 -6.74 0.82 -0.44
C ARG B 197 -8.16 1.02 0.09
N GLY B 198 -9.13 1.13 -0.83
CA GLY B 198 -10.52 1.27 -0.42
C GLY B 198 -11.03 0.06 0.33
N THR B 199 -10.75 -1.14 -0.20
CA THR B 199 -11.16 -2.38 0.46
C THR B 199 -10.61 -2.45 1.88
N TYR B 200 -9.31 -2.17 2.04
CA TYR B 200 -8.68 -2.22 3.36
C TYR B 200 -9.35 -1.25 4.31
N CYS B 201 -9.48 0.02 3.90
CA CYS B 201 -10.03 1.04 4.78
C CYS B 201 -11.47 0.71 5.16
N LEU B 202 -12.24 0.17 4.22
CA LEU B 202 -13.63 -0.17 4.47
C LEU B 202 -13.74 -1.35 5.43
N LEU B 203 -12.93 -2.40 5.21
CA LEU B 203 -13.01 -3.59 6.07
C LEU B 203 -12.55 -3.27 7.50
N VAL B 204 -11.55 -2.42 7.68
CA VAL B 204 -11.16 -2.05 9.04
C VAL B 204 -12.34 -1.39 9.75
N VAL B 205 -12.97 -0.41 9.08
CA VAL B 205 -14.04 0.33 9.74
C VAL B 205 -15.25 -0.56 9.97
N ALA B 206 -15.59 -1.42 9.00
CA ALA B 206 -16.75 -2.29 9.18
C ALA B 206 -16.52 -3.30 10.30
N THR B 207 -15.28 -3.79 10.44
CA THR B 207 -14.93 -4.69 11.54
C THR B 207 -15.10 -3.98 12.88
N LEU B 208 -14.57 -2.76 13.01
CA LEU B 208 -14.57 -2.06 14.28
C LEU B 208 -15.97 -1.64 14.72
N LEU B 209 -16.86 -1.32 13.77
CA LEU B 209 -18.17 -0.76 14.13
C LEU B 209 -19.30 -1.78 14.08
N ASP B 210 -19.02 -3.07 13.86
CA ASP B 210 -20.05 -4.12 13.81
C ASP B 210 -21.09 -3.81 12.74
N ILE B 211 -20.62 -3.61 11.51
CA ILE B 211 -21.55 -3.41 10.39
C ILE B 211 -21.19 -4.30 9.19
N ILE B 212 -20.64 -5.51 9.44
CA ILE B 212 -20.38 -6.47 8.37
C ILE B 212 -21.61 -7.32 8.11
N THR B 213 -21.96 -7.48 6.83
CA THR B 213 -23.04 -8.34 6.37
C THR B 213 -22.56 -9.19 5.20
N PRO B 214 -23.30 -10.26 4.86
CA PRO B 214 -22.94 -11.01 3.65
C PRO B 214 -23.00 -10.18 2.38
N GLU B 215 -24.00 -9.31 2.21
CA GLU B 215 -24.07 -8.55 0.94
C GLU B 215 -22.90 -7.60 0.81
N LEU B 216 -22.38 -7.08 1.93
CA LEU B 216 -21.23 -6.20 1.88
C LEU B 216 -19.99 -6.92 1.37
N LEU B 217 -19.84 -8.20 1.73
CA LEU B 217 -18.61 -8.94 1.49
C LEU B 217 -18.59 -9.74 0.21
N HIS B 218 -19.71 -9.85 -0.50
CA HIS B 218 -19.77 -10.75 -1.64
C HIS B 218 -18.75 -10.35 -2.71
N ASN B 219 -17.92 -11.31 -3.12
CA ASN B 219 -16.86 -11.20 -4.10
C ASN B 219 -15.66 -10.37 -3.63
N VAL B 220 -15.69 -9.81 -2.42
CA VAL B 220 -14.57 -8.99 -1.97
C VAL B 220 -13.30 -9.81 -1.86
N ASP B 221 -13.42 -11.06 -1.37
CA ASP B 221 -12.27 -11.96 -1.30
C ASP B 221 -11.70 -12.26 -2.69
N LYS B 222 -12.57 -12.40 -3.70
CA LYS B 222 -12.08 -12.72 -5.03
C LYS B 222 -11.33 -11.53 -5.65
N PHE B 223 -11.86 -10.32 -5.48
CA PHE B 223 -11.18 -9.13 -5.99
C PHE B 223 -9.75 -9.05 -5.45
N VAL B 224 -9.60 -9.25 -4.13
CA VAL B 224 -8.32 -9.10 -3.48
C VAL B 224 -7.35 -10.21 -3.91
N SER B 225 -7.83 -11.47 -3.90
CA SER B 225 -6.97 -12.59 -4.27
CA SER B 225 -6.97 -12.59 -4.28
C SER B 225 -6.37 -12.40 -5.66
N ALA B 226 -7.17 -11.89 -6.61
CA ALA B 226 -6.67 -11.73 -7.96
C ALA B 226 -5.72 -10.55 -8.13
N CYS B 227 -5.52 -9.74 -7.08
CA CYS B 227 -4.49 -8.71 -7.13
C CYS B 227 -3.09 -9.24 -6.96
N GLN B 228 -2.92 -10.51 -6.55
CA GLN B 228 -1.58 -11.04 -6.31
C GLN B 228 -0.86 -11.27 -7.63
N THR B 229 0.41 -10.84 -7.72
CA THR B 229 1.15 -10.94 -8.98
C THR B 229 2.10 -12.15 -8.94
N TYR B 230 2.77 -12.37 -10.08
CA TYR B 230 3.73 -13.46 -10.18
C TYR B 230 4.92 -13.26 -9.25
N GLU B 231 5.17 -12.03 -8.79
CA GLU B 231 6.23 -11.81 -7.81
C GLU B 231 5.84 -12.19 -6.39
N GLY B 232 4.54 -12.35 -6.09
CA GLY B 232 4.10 -12.76 -4.77
C GLY B 232 3.45 -11.66 -3.95
N GLY B 233 3.80 -10.40 -4.20
CA GLY B 233 3.07 -9.29 -3.63
C GLY B 233 1.79 -9.01 -4.43
N PHE B 234 1.16 -7.88 -4.11
CA PHE B 234 -0.15 -7.54 -4.66
C PHE B 234 -0.12 -6.19 -5.35
N ALA B 235 -0.89 -6.09 -6.44
CA ALA B 235 -1.08 -4.85 -7.17
C ALA B 235 -2.27 -4.07 -6.61
N CYS B 236 -2.54 -2.90 -7.20
CA CYS B 236 -3.60 -2.03 -6.71
C CYS B 236 -4.99 -2.62 -6.93
N ALA B 237 -5.18 -3.42 -7.98
CA ALA B 237 -6.53 -3.82 -8.37
C ALA B 237 -6.46 -5.00 -9.33
N SER B 238 -7.60 -5.67 -9.50
CA SER B 238 -7.75 -6.69 -10.53
C SER B 238 -8.92 -6.32 -11.43
N PHE B 239 -8.84 -6.74 -12.74
CA PHE B 239 -9.84 -6.41 -13.75
C PHE B 239 -10.73 -7.62 -13.99
N PRO B 240 -12.06 -7.47 -13.88
CA PRO B 240 -12.95 -8.60 -14.14
C PRO B 240 -13.33 -8.71 -15.62
N PHE B 241 -12.88 -9.75 -16.30
CA PHE B 241 -13.30 -9.98 -17.68
C PHE B 241 -14.61 -10.74 -17.69
N PRO B 242 -15.62 -10.26 -18.42
CA PRO B 242 -16.96 -10.89 -18.37
C PRO B 242 -16.97 -12.26 -19.03
N SER B 243 -18.10 -12.95 -18.87
CA SER B 243 -18.23 -14.31 -19.37
C SER B 243 -18.14 -14.38 -20.90
N VAL B 244 -18.73 -13.40 -21.60
CA VAL B 244 -18.77 -13.43 -23.07
C VAL B 244 -17.80 -12.42 -23.69
N SER B 254 -20.73 -9.64 -11.85
CA SER B 254 -20.70 -10.42 -10.62
C SER B 254 -20.18 -11.85 -10.80
N GLU B 255 -20.14 -12.35 -12.03
CA GLU B 255 -19.57 -13.65 -12.36
C GLU B 255 -18.64 -13.52 -13.56
N PRO B 256 -17.47 -12.91 -13.37
CA PRO B 256 -16.52 -12.77 -14.48
C PRO B 256 -15.92 -14.11 -14.87
N SER B 257 -15.47 -14.18 -16.14
CA SER B 257 -14.78 -15.38 -16.59
C SER B 257 -13.41 -15.51 -15.92
N CYS B 258 -12.72 -14.40 -15.70
CA CYS B 258 -11.44 -14.40 -14.97
C CYS B 258 -11.15 -13.00 -14.47
N ARG B 259 -10.18 -12.91 -13.54
CA ARG B 259 -9.68 -11.65 -12.99
C ARG B 259 -8.17 -11.58 -13.17
N VAL B 260 -7.67 -10.40 -13.54
CA VAL B 260 -6.26 -10.21 -13.87
C VAL B 260 -5.72 -9.00 -13.10
N SER B 261 -4.54 -9.13 -12.49
CA SER B 261 -3.94 -8.02 -11.75
C SER B 261 -3.46 -6.94 -12.72
N MET B 262 -3.53 -5.68 -12.28
CA MET B 262 -3.39 -4.56 -13.20
CA MET B 262 -3.42 -4.53 -13.16
C MET B 262 -2.09 -3.77 -13.07
N ALA B 263 -1.16 -4.18 -12.22
CA ALA B 263 0.13 -3.47 -12.13
C ALA B 263 1.10 -4.32 -11.31
N GLU B 264 2.26 -3.73 -10.95
CA GLU B 264 3.27 -4.40 -10.15
C GLU B 264 2.84 -4.65 -8.70
N ALA B 265 3.42 -5.68 -8.10
CA ALA B 265 3.40 -5.82 -6.65
C ALA B 265 4.07 -4.61 -6.01
N HIS B 266 3.36 -3.99 -5.06
CA HIS B 266 3.86 -2.81 -4.36
C HIS B 266 3.61 -2.97 -2.86
N GLY B 267 4.54 -2.45 -2.06
CA GLY B 267 4.39 -2.57 -0.61
C GLY B 267 3.10 -1.98 -0.07
N GLY B 268 2.66 -0.85 -0.61
CA GLY B 268 1.43 -0.25 -0.09
C GLY B 268 0.19 -1.10 -0.37
N TYR B 269 0.09 -1.64 -1.59
CA TYR B 269 -1.04 -2.49 -1.95
C TYR B 269 -0.90 -3.90 -1.41
N THR B 270 0.34 -4.36 -1.21
CA THR B 270 0.54 -5.65 -0.55
C THR B 270 0.09 -5.59 0.91
N SER B 271 0.43 -4.50 1.61
CA SER B 271 -0.09 -4.29 2.97
C SER B 271 -1.61 -4.31 2.99
N CYS B 272 -2.24 -3.53 2.09
CA CYS B 272 -3.69 -3.43 2.09
C CYS B 272 -4.35 -4.78 1.77
N SER B 273 -3.76 -5.54 0.83
CA SER B 273 -4.31 -6.83 0.42
C SER B 273 -4.15 -7.88 1.51
N LEU B 274 -2.95 -7.99 2.09
CA LEU B 274 -2.74 -8.94 3.19
C LEU B 274 -3.65 -8.63 4.37
N ASN B 275 -3.75 -7.34 4.72
CA ASN B 275 -4.59 -6.94 5.84
C ASN B 275 -6.07 -7.19 5.55
N SER B 276 -6.53 -6.88 4.33
CA SER B 276 -7.90 -7.18 3.92
C SER B 276 -8.18 -8.67 3.99
N HIS B 277 -7.32 -9.47 3.35
CA HIS B 277 -7.52 -10.91 3.38
C HIS B 277 -7.57 -11.42 4.82
N PHE B 278 -6.69 -10.92 5.69
CA PHE B 278 -6.67 -11.39 7.08
C PHE B 278 -7.97 -11.06 7.80
N LEU B 279 -8.49 -9.85 7.60
CA LEU B 279 -9.78 -9.51 8.20
C LEU B 279 -10.90 -10.41 7.71
N LEU B 280 -10.85 -10.86 6.44
CA LEU B 280 -11.90 -11.71 5.89
C LEU B 280 -11.85 -13.14 6.46
N THR B 281 -10.67 -13.62 6.88
CA THR B 281 -10.58 -14.97 7.41
C THR B 281 -11.36 -15.14 8.71
N SER B 282 -11.73 -14.04 9.37
CA SER B 282 -12.58 -14.13 10.56
C SER B 282 -14.06 -14.38 10.24
N VAL B 283 -14.47 -14.21 8.99
CA VAL B 283 -15.88 -14.13 8.63
C VAL B 283 -16.37 -15.55 8.34
N PRO B 284 -17.37 -16.05 9.07
CA PRO B 284 -17.83 -17.44 8.86
C PRO B 284 -18.80 -17.56 7.69
N LEU B 285 -18.29 -17.37 6.48
CA LEU B 285 -19.09 -17.67 5.31
C LEU B 285 -18.57 -18.92 4.63
N PRO B 286 -19.44 -19.66 3.93
CA PRO B 286 -19.00 -20.90 3.25
C PRO B 286 -17.98 -20.63 2.15
N SER B 287 -16.87 -21.38 2.19
CA SER B 287 -15.83 -21.31 1.16
C SER B 287 -15.30 -19.90 0.98
N PHE B 288 -15.05 -19.23 2.11
CA PHE B 288 -14.74 -17.81 2.10
C PHE B 288 -13.75 -17.56 3.22
N PRO B 289 -12.70 -16.75 2.99
CA PRO B 289 -12.33 -16.07 1.74
C PRO B 289 -11.55 -16.98 0.79
N LEU B 290 -11.68 -16.77 -0.53
CA LEU B 290 -10.81 -17.44 -1.48
C LEU B 290 -9.35 -17.27 -1.07
N SER B 291 -8.58 -18.33 -1.22
CA SER B 291 -7.22 -18.32 -0.66
C SER B 291 -6.29 -17.43 -1.48
N ILE B 292 -5.17 -17.06 -0.86
CA ILE B 292 -4.05 -16.44 -1.53
C ILE B 292 -2.85 -17.38 -1.42
N ASP B 293 -1.77 -17.04 -2.13
CA ASP B 293 -0.50 -17.76 -2.03
C ASP B 293 0.31 -17.09 -0.92
N ALA B 294 0.20 -17.61 0.29
CA ALA B 294 0.84 -16.96 1.44
C ALA B 294 2.36 -17.11 1.39
N ASN B 295 2.85 -18.28 0.99
CA ASN B 295 4.30 -18.50 0.86
C ASN B 295 4.92 -17.47 -0.09
N ALA B 296 4.27 -17.23 -1.24
CA ALA B 296 4.82 -16.28 -2.19
C ALA B 296 4.78 -14.85 -1.64
N ALA B 297 3.73 -14.52 -0.88
CA ALA B 297 3.67 -13.18 -0.29
C ALA B 297 4.73 -13.00 0.78
N LEU B 298 5.00 -14.04 1.57
CA LEU B 298 6.08 -13.93 2.56
C LEU B 298 7.42 -13.78 1.88
N ARG B 299 7.66 -14.55 0.81
CA ARG B 299 8.88 -14.44 0.03
C ARG B 299 9.07 -13.03 -0.52
N TRP B 300 8.03 -12.48 -1.16
CA TRP B 300 8.13 -11.13 -1.71
C TRP B 300 8.44 -10.13 -0.60
N THR B 301 7.78 -10.27 0.56
CA THR B 301 8.00 -9.36 1.68
C THR B 301 9.48 -9.31 2.09
N VAL B 302 10.10 -10.47 2.32
CA VAL B 302 11.46 -10.47 2.86
C VAL B 302 12.47 -10.03 1.80
N LEU B 303 12.18 -10.29 0.51
CA LEU B 303 13.09 -9.88 -0.56
C LEU B 303 13.15 -8.35 -0.73
N GLN B 304 12.20 -7.61 -0.16
CA GLN B 304 12.21 -6.16 -0.26
C GLN B 304 13.06 -5.48 0.82
N GLN B 305 13.61 -6.21 1.78
CA GLN B 305 14.51 -5.56 2.74
C GLN B 305 15.87 -5.34 2.08
N GLY B 306 16.36 -4.10 2.17
CA GLY B 306 17.57 -3.73 1.47
C GLY B 306 18.83 -4.30 2.09
N GLU B 307 19.91 -4.19 1.33
CA GLU B 307 21.23 -4.70 1.70
C GLU B 307 21.88 -3.83 2.77
N PRO B 308 22.97 -4.31 3.40
CA PRO B 308 23.65 -3.48 4.41
C PRO B 308 24.08 -2.11 3.89
N ILE B 309 24.54 -2.02 2.64
CA ILE B 309 24.96 -0.73 2.09
C ILE B 309 23.81 0.27 2.00
N GLU B 310 22.56 -0.19 1.94
CA GLU B 310 21.42 0.71 1.95
C GLU B 310 20.71 0.70 3.31
N GLY B 311 21.40 0.23 4.36
CA GLY B 311 20.95 0.44 5.72
C GLY B 311 19.87 -0.52 6.20
N GLY B 312 19.50 -1.51 5.38
CA GLY B 312 18.51 -2.48 5.81
C GLY B 312 17.08 -1.98 5.87
N GLY B 313 16.80 -0.82 5.25
CA GLY B 313 15.42 -0.37 5.10
C GLY B 313 14.72 -1.14 3.98
N PHE B 314 13.40 -0.99 3.89
CA PHE B 314 12.62 -1.68 2.86
C PHE B 314 12.39 -0.79 1.65
N ARG B 315 12.43 -1.41 0.46
CA ARG B 315 11.93 -0.81 -0.77
C ARG B 315 10.45 -1.17 -0.93
N GLY B 316 9.76 -0.43 -1.81
CA GLY B 316 8.35 -0.65 -2.04
C GLY B 316 8.06 -1.55 -3.22
N ARG B 317 9.05 -1.74 -4.10
CA ARG B 317 8.91 -2.67 -5.21
C ARG B 317 10.29 -2.98 -5.79
N THR B 318 10.37 -4.11 -6.48
CA THR B 318 11.61 -4.60 -7.06
C THR B 318 12.29 -3.52 -7.90
N ASN B 319 13.61 -3.36 -7.68
CA ASN B 319 14.49 -2.49 -8.45
C ASN B 319 14.16 -1.01 -8.30
N LYS B 320 13.46 -0.63 -7.22
CA LYS B 320 13.30 0.76 -6.79
C LYS B 320 14.10 0.97 -5.49
N LEU B 321 13.91 2.12 -4.86
CA LEU B 321 14.78 2.54 -3.75
C LEU B 321 14.17 2.26 -2.38
N VAL B 322 15.03 2.02 -1.39
CA VAL B 322 14.56 1.87 -0.03
C VAL B 322 13.97 3.21 0.44
N ASP B 323 13.04 3.13 1.40
CA ASP B 323 12.30 4.29 1.84
C ASP B 323 11.70 3.97 3.20
N GLY B 324 11.92 4.86 4.17
CA GLY B 324 11.49 4.59 5.54
C GLY B 324 10.01 4.28 5.71
N CYS B 325 9.13 4.83 4.85
CA CYS B 325 7.71 4.56 5.08
C CYS B 325 7.36 3.09 4.83
N TYR B 326 8.15 2.37 4.05
CA TYR B 326 7.87 0.95 3.82
C TYR B 326 8.23 0.09 5.01
N SER B 327 8.87 0.66 6.03
CA SER B 327 8.98 -0.04 7.31
C SER B 327 7.61 -0.49 7.80
N TRP B 328 6.61 0.39 7.71
CA TRP B 328 5.25 -0.03 8.04
C TRP B 328 4.61 -0.87 6.93
N TRP B 329 4.62 -0.38 5.69
CA TRP B 329 3.84 -1.04 4.64
C TRP B 329 4.35 -2.46 4.38
N VAL B 330 5.65 -2.64 4.29
CA VAL B 330 6.18 -3.97 4.04
C VAL B 330 6.52 -4.69 5.35
N GLY B 331 7.26 -4.03 6.23
CA GLY B 331 7.58 -4.64 7.51
C GLY B 331 6.35 -5.02 8.31
N GLY B 332 5.34 -4.15 8.34
CA GLY B 332 4.12 -4.44 9.09
C GLY B 332 3.24 -5.50 8.46
N GLY B 333 3.47 -5.82 7.19
CA GLY B 333 2.79 -6.96 6.60
C GLY B 333 3.42 -8.28 6.95
N ALA B 334 4.67 -8.26 7.44
CA ALA B 334 5.37 -9.52 7.71
C ALA B 334 4.66 -10.40 8.73
N PRO B 335 4.19 -9.90 9.89
CA PRO B 335 3.47 -10.80 10.81
C PRO B 335 2.19 -11.37 10.23
N VAL B 336 1.52 -10.63 9.34
CA VAL B 336 0.31 -11.14 8.71
C VAL B 336 0.64 -12.28 7.77
N ALA B 337 1.62 -12.08 6.89
CA ALA B 337 2.04 -13.15 5.99
C ALA B 337 2.54 -14.36 6.78
N GLU B 338 3.26 -14.12 7.89
CA GLU B 338 3.73 -15.22 8.72
C GLU B 338 2.57 -16.07 9.25
N GLU B 339 1.53 -15.41 9.76
CA GLU B 339 0.41 -16.15 10.34
C GLU B 339 -0.31 -16.94 9.27
N LEU B 340 -0.50 -16.37 8.08
CA LEU B 340 -1.15 -17.11 7.00
C LEU B 340 -0.32 -18.32 6.58
N VAL B 341 1.01 -18.17 6.49
CA VAL B 341 1.87 -19.33 6.22
C VAL B 341 1.72 -20.38 7.32
N ARG B 342 1.69 -19.94 8.58
CA ARG B 342 1.57 -20.90 9.68
C ARG B 342 0.26 -21.69 9.58
N ARG B 343 -0.83 -21.01 9.24
CA ARG B 343 -2.11 -21.69 9.08
C ARG B 343 -2.06 -22.71 7.94
N GLU B 344 -1.43 -22.35 6.82
CA GLU B 344 -1.27 -23.29 5.72
C GLU B 344 -0.47 -24.52 6.15
N LYS B 345 0.64 -24.32 6.88
CA LYS B 345 1.41 -25.45 7.37
C LYS B 345 0.59 -26.31 8.31
N SER B 346 -0.11 -25.68 9.27
CA SER B 346 -1.00 -26.41 10.16
C SER B 346 -2.05 -27.17 9.38
N ARG B 347 -2.66 -26.52 8.38
CA ARG B 347 -3.71 -27.14 7.59
C ARG B 347 -3.21 -28.38 6.85
N LYS B 348 -1.92 -28.42 6.51
CA LYS B 348 -1.36 -29.59 5.86
C LYS B 348 -1.13 -30.73 6.85
N VAL B 349 -0.65 -30.41 8.05
CA VAL B 349 -0.45 -31.42 9.09
C VAL B 349 -1.78 -31.77 9.76
N ILE B 371 11.41 -20.15 16.78
CA ILE B 371 11.40 -19.76 15.38
C ILE B 371 12.15 -18.45 15.20
N PRO B 372 13.08 -18.40 14.25
CA PRO B 372 13.85 -17.18 14.02
C PRO B 372 12.99 -16.10 13.38
N PRO B 373 13.32 -14.83 13.58
CA PRO B 373 12.57 -13.77 12.92
C PRO B 373 12.60 -13.92 11.41
N ILE B 374 11.55 -13.41 10.77
CA ILE B 374 11.40 -13.60 9.33
C ILE B 374 12.05 -12.49 8.51
N PHE B 375 12.25 -11.30 9.09
CA PHE B 375 13.05 -10.25 8.49
C PHE B 375 14.06 -9.75 9.52
N ASN B 376 15.03 -8.98 9.05
CA ASN B 376 16.11 -8.54 9.93
C ASN B 376 15.58 -7.41 10.81
N ARG B 377 15.06 -7.80 11.98
CA ARG B 377 14.47 -6.86 12.92
C ARG B 377 15.50 -5.86 13.45
N VAL B 378 16.78 -6.22 13.48
CA VAL B 378 17.81 -5.30 13.98
C VAL B 378 18.15 -4.26 12.91
N ALA B 379 18.36 -4.69 11.67
CA ALA B 379 18.75 -3.77 10.61
C ALA B 379 17.67 -2.73 10.35
N LEU B 380 16.40 -3.13 10.43
CA LEU B 380 15.32 -2.18 10.21
C LEU B 380 15.33 -1.08 11.27
N GLN B 381 15.61 -1.44 12.52
CA GLN B 381 15.74 -0.42 13.56
C GLN B 381 16.91 0.50 13.26
N GLU B 382 18.03 -0.08 12.81
CA GLU B 382 19.21 0.72 12.48
C GLU B 382 18.89 1.72 11.36
N PHE B 383 18.14 1.29 10.34
CA PHE B 383 17.74 2.23 9.30
C PHE B 383 16.94 3.38 9.90
N THR B 384 15.99 3.05 10.78
CA THR B 384 15.14 4.07 11.38
C THR B 384 15.96 5.09 12.17
N LEU B 385 16.86 4.59 13.02
CA LEU B 385 17.61 5.45 13.93
C LEU B 385 18.66 6.28 13.18
N VAL B 386 19.35 5.66 12.25
CA VAL B 386 20.52 6.27 11.62
C VAL B 386 20.13 7.11 10.40
N ALA B 387 19.27 6.56 9.52
CA ALA B 387 19.00 7.18 8.23
C ALA B 387 17.69 7.95 8.17
N ALA B 388 16.65 7.51 8.88
CA ALA B 388 15.31 8.07 8.69
C ALA B 388 14.99 9.23 9.61
N GLN B 389 15.76 9.45 10.67
CA GLN B 389 15.55 10.62 11.52
C GLN B 389 16.12 11.86 10.85
N GLN B 390 15.42 12.99 11.01
CA GLN B 390 16.01 14.26 10.62
C GLN B 390 17.31 14.48 11.38
N ASP B 391 18.24 15.19 10.74
CA ASP B 391 19.51 15.48 11.40
C ASP B 391 19.27 16.22 12.70
N PRO B 392 20.07 15.98 13.74
CA PRO B 392 19.77 16.53 15.07
C PRO B 392 19.89 18.04 15.11
N GLY B 393 19.19 18.64 16.07
CA GLY B 393 19.22 20.08 16.28
C GLY B 393 18.44 20.87 15.26
N SER B 394 17.48 20.23 14.61
CA SER B 394 16.78 20.79 13.45
C SER B 394 15.27 20.69 13.74
N THR B 395 14.48 20.68 12.67
CA THR B 395 13.03 20.59 12.78
C THR B 395 12.54 19.31 13.49
N GLY B 396 13.35 18.27 13.57
CA GLY B 396 12.79 16.98 13.96
C GLY B 396 11.98 16.34 12.82
N GLY B 397 11.33 15.23 13.17
CA GLY B 397 10.56 14.44 12.23
C GLY B 397 11.41 13.36 11.57
N LEU B 398 10.72 12.41 10.92
CA LEU B 398 11.38 11.33 10.19
C LEU B 398 11.00 11.41 8.72
N ARG B 399 11.79 10.73 7.88
CA ARG B 399 11.83 11.04 6.45
C ARG B 399 11.93 9.77 5.63
N ASP B 400 11.79 9.94 4.32
CA ASP B 400 11.97 8.84 3.38
C ASP B 400 13.41 8.35 3.40
N LYS B 401 14.35 9.24 3.12
CA LYS B 401 15.76 8.94 2.91
C LYS B 401 16.55 10.17 3.32
N PRO B 402 17.86 10.04 3.57
CA PRO B 402 18.70 11.23 3.70
C PRO B 402 18.55 12.09 2.46
N GLY B 403 18.51 13.40 2.65
CA GLY B 403 18.29 14.32 1.55
C GLY B 403 16.85 14.70 1.33
N LYS B 404 15.90 14.10 2.06
CA LYS B 404 14.49 14.43 1.91
C LYS B 404 14.00 15.11 3.18
N ARG B 405 13.15 16.13 3.02
CA ARG B 405 12.55 16.77 4.17
C ARG B 405 11.65 15.77 4.91
N PRO B 406 11.63 15.81 6.24
CA PRO B 406 10.66 14.99 6.98
C PRO B 406 9.24 15.53 6.80
N ASP B 407 8.27 14.65 7.02
CA ASP B 407 6.87 15.04 6.96
C ASP B 407 6.06 14.15 7.92
N GLN B 408 4.79 14.52 8.12
CA GLN B 408 3.95 13.78 9.06
C GLN B 408 3.76 12.33 8.64
N TYR B 409 3.67 12.08 7.32
CA TYR B 409 3.41 10.74 6.81
C TYR B 409 4.60 9.81 7.07
N HIS B 410 5.81 10.28 6.76
CA HIS B 410 6.99 9.44 7.02
C HIS B 410 7.27 9.33 8.51
N THR B 411 6.89 10.33 9.29
CA THR B 411 7.03 10.21 10.75
C THR B 411 6.17 9.08 11.28
N CYS B 412 4.90 9.04 10.86
CA CYS B 412 3.99 8.02 11.36
C CYS B 412 4.43 6.63 10.89
N ASN B 413 4.79 6.51 9.60
CA ASN B 413 5.05 5.17 9.08
C ASN B 413 6.42 4.66 9.45
N ASN B 414 7.44 5.53 9.54
CA ASN B 414 8.71 5.08 10.11
C ASN B 414 8.51 4.52 11.52
N LEU B 415 7.75 5.23 12.36
CA LEU B 415 7.61 4.80 13.75
C LEU B 415 6.72 3.57 13.85
N SER B 416 5.68 3.47 13.01
CA SER B 416 4.86 2.26 13.03
C SER B 416 5.68 1.04 12.66
N GLY B 417 6.53 1.15 11.63
CA GLY B 417 7.40 0.04 11.28
C GLY B 417 8.44 -0.25 12.36
N LEU B 418 9.02 0.81 12.94
CA LEU B 418 9.95 0.60 14.06
C LEU B 418 9.29 -0.21 15.17
N SER B 419 8.03 0.09 15.48
CA SER B 419 7.32 -0.66 16.54
C SER B 419 7.24 -2.14 16.21
N ILE B 420 6.90 -2.47 14.96
CA ILE B 420 6.80 -3.87 14.52
C ILE B 420 8.16 -4.57 14.65
N ALA B 421 9.25 -3.85 14.37
CA ALA B 421 10.58 -4.45 14.47
C ALA B 421 10.99 -4.65 15.93
N GLN B 422 10.63 -3.71 16.81
CA GLN B 422 11.01 -3.80 18.22
C GLN B 422 10.24 -4.89 18.97
N HIS B 423 8.97 -5.12 18.61
CA HIS B 423 8.09 -6.00 19.36
C HIS B 423 7.63 -7.14 18.47
N LYS B 424 7.89 -8.38 18.90
CA LYS B 424 7.50 -9.55 18.13
C LYS B 424 5.99 -9.77 18.25
N MET B 425 5.26 -9.52 17.16
CA MET B 425 3.81 -9.62 17.17
C MET B 425 3.37 -10.93 16.53
N SER B 426 2.38 -11.58 17.15
CA SER B 426 1.82 -12.75 16.51
C SER B 426 0.33 -12.83 16.84
N HIS B 427 -0.40 -13.55 16.00
CA HIS B 427 -1.82 -13.77 16.20
C HIS B 427 -1.99 -15.09 16.93
N SER B 428 -2.57 -15.03 18.12
CA SER B 428 -2.48 -16.14 19.06
C SER B 428 -3.78 -16.94 19.07
N PRO B 429 -3.77 -18.21 18.64
CA PRO B 429 -5.02 -19.00 18.68
C PRO B 429 -5.59 -19.17 20.08
N SER B 430 -4.73 -19.34 21.10
CA SER B 430 -5.26 -19.48 22.45
C SER B 430 -5.87 -18.17 22.94
N THR B 431 -5.31 -17.03 22.53
CA THR B 431 -5.94 -15.75 22.89
C THR B 431 -7.31 -15.60 22.22
N VAL B 432 -7.39 -15.94 20.93
CA VAL B 432 -8.68 -15.91 20.25
C VAL B 432 -9.67 -16.83 20.94
N SER B 433 -9.22 -18.01 21.36
N SER B 433 -9.23 -18.02 21.36
CA SER B 433 -10.08 -18.95 22.05
CA SER B 433 -10.12 -18.93 22.05
C SER B 433 -10.59 -18.36 23.37
C SER B 433 -10.62 -18.33 23.36
N SER B 434 -9.71 -17.68 24.10
CA SER B 434 -10.14 -17.05 25.34
CA SER B 434 -10.10 -17.02 25.34
C SER B 434 -11.12 -15.92 25.07
N ASN B 435 -10.94 -15.18 23.99
CA ASN B 435 -11.90 -14.14 23.59
C ASN B 435 -13.27 -14.73 23.30
N ARG B 436 -13.33 -15.84 22.56
CA ARG B 436 -14.60 -16.50 22.30
C ARG B 436 -15.30 -16.88 23.59
N LEU B 437 -14.53 -17.33 24.59
CA LEU B 437 -15.13 -17.78 25.85
C LEU B 437 -15.75 -16.64 26.64
N LYS B 438 -15.26 -15.41 26.46
CA LYS B 438 -15.80 -14.29 27.22
C LYS B 438 -16.80 -13.45 26.45
N PHE B 439 -16.95 -13.65 25.14
CA PHE B 439 -17.86 -12.83 24.36
C PHE B 439 -19.29 -13.01 24.83
N ASP B 440 -20.03 -11.89 24.91
CA ASP B 440 -21.44 -11.87 25.33
C ASP B 440 -22.30 -11.46 24.12
N ALA B 441 -22.90 -12.45 23.46
CA ALA B 441 -23.69 -12.18 22.26
C ALA B 441 -25.02 -11.54 22.55
N SER B 442 -25.45 -11.47 23.81
CA SER B 442 -26.71 -10.79 24.12
C SER B 442 -26.53 -9.29 24.27
N LYS B 443 -25.32 -8.78 24.16
CA LYS B 443 -25.05 -7.35 24.14
C LYS B 443 -24.65 -6.91 22.74
N GLY B 444 -25.18 -5.77 22.30
CA GLY B 444 -24.80 -5.21 21.03
C GLY B 444 -25.63 -4.02 20.61
N LEU B 445 -25.16 -3.28 19.62
CA LEU B 445 -25.91 -2.19 19.03
C LEU B 445 -26.92 -2.76 18.03
N PRO B 446 -27.87 -1.96 17.55
CA PRO B 446 -28.87 -2.50 16.62
C PRO B 446 -28.23 -3.02 15.34
N ALA B 447 -28.72 -4.18 14.90
CA ALA B 447 -28.29 -4.77 13.63
C ALA B 447 -28.50 -3.78 12.48
N VAL B 448 -27.56 -3.75 11.54
CA VAL B 448 -27.75 -2.91 10.37
C VAL B 448 -28.87 -3.49 9.52
N LYS B 449 -29.59 -2.61 8.83
CA LYS B 449 -30.63 -3.03 7.91
C LYS B 449 -30.04 -3.15 6.52
N PRO B 450 -30.04 -4.33 5.91
CA PRO B 450 -29.40 -4.48 4.60
C PRO B 450 -30.16 -3.73 3.53
N VAL B 451 -29.45 -3.36 2.47
CA VAL B 451 -30.12 -2.63 1.40
C VAL B 451 -31.00 -3.58 0.57
N ALA B 452 -30.55 -4.86 0.36
CA ALA B 452 -31.38 -5.82 -0.34
C ALA B 452 -32.04 -6.77 0.66
N PRO B 453 -33.27 -7.21 0.37
CA PRO B 453 -34.02 -8.01 1.37
C PRO B 453 -33.25 -9.19 1.95
N GLY B 454 -32.60 -10.00 1.12
CA GLY B 454 -31.88 -11.15 1.63
C GLY B 454 -30.39 -10.92 1.87
N GLY B 455 -29.98 -9.67 2.05
CA GLY B 455 -28.57 -9.34 2.16
C GLY B 455 -27.95 -9.49 3.55
N GLY B 456 -28.76 -9.80 4.56
CA GLY B 456 -28.25 -9.96 5.91
C GLY B 456 -27.89 -11.41 6.22
N TRP B 457 -27.47 -11.63 7.47
CA TRP B 457 -27.27 -12.99 7.97
C TRP B 457 -28.61 -13.71 8.06
N LYS B 458 -28.53 -15.04 7.96
CA LYS B 458 -29.74 -15.86 7.83
C LYS B 458 -30.61 -15.77 9.08
N ASN B 459 -30.00 -15.77 10.26
CA ASN B 459 -30.74 -15.73 11.51
C ASN B 459 -29.82 -15.21 12.60
N GLU B 460 -30.35 -15.11 13.82
CA GLU B 460 -29.57 -14.56 14.91
C GLU B 460 -28.41 -15.48 15.29
N ASP B 461 -28.62 -16.80 15.22
CA ASP B 461 -27.53 -17.72 15.50
C ASP B 461 -26.32 -17.46 14.61
N GLU B 462 -26.57 -17.24 13.31
CA GLU B 462 -25.44 -17.01 12.42
C GLU B 462 -24.88 -15.60 12.57
N ARG B 463 -25.74 -14.61 12.82
CA ARG B 463 -25.21 -13.26 13.00
C ARG B 463 -24.37 -13.17 14.27
N GLN B 464 -24.83 -13.79 15.36
CA GLN B 464 -24.07 -13.73 16.60
C GLN B 464 -22.77 -14.51 16.51
N ASN B 465 -22.78 -15.63 15.78
CA ASN B 465 -21.53 -16.36 15.56
C ASN B 465 -20.54 -15.50 14.76
N ALA B 466 -21.04 -14.77 13.75
CA ALA B 466 -20.18 -13.85 13.01
C ALA B 466 -19.62 -12.76 13.92
N ARG B 467 -20.47 -12.12 14.73
CA ARG B 467 -19.98 -11.07 15.62
C ARG B 467 -18.90 -11.61 16.56
N ARG B 468 -19.11 -12.81 17.11
CA ARG B 468 -18.15 -13.40 18.03
C ARG B 468 -16.81 -13.63 17.34
N GLU B 469 -16.82 -14.26 16.16
CA GLU B 469 -15.56 -14.56 15.46
C GLU B 469 -14.83 -13.29 15.07
N ILE B 470 -15.54 -12.29 14.55
CA ILE B 470 -14.89 -11.09 14.04
C ILE B 470 -14.29 -10.28 15.19
N TRP B 471 -15.04 -10.13 16.28
CA TRP B 471 -14.53 -9.46 17.47
C TRP B 471 -13.35 -10.24 18.07
N ALA B 472 -13.50 -11.57 18.18
CA ALA B 472 -12.50 -12.34 18.92
C ALA B 472 -11.17 -12.37 18.17
N ASN B 473 -11.22 -12.42 16.85
CA ASN B 473 -10.00 -12.41 16.05
C ASN B 473 -9.39 -11.03 15.94
N ALA B 474 -10.22 -9.97 15.89
CA ALA B 474 -9.67 -8.61 15.88
C ALA B 474 -8.82 -8.33 17.12
N LEU B 475 -9.15 -8.99 18.23
CA LEU B 475 -8.43 -8.85 19.48
C LEU B 475 -7.45 -9.98 19.73
N GLY B 476 -7.02 -10.67 18.66
CA GLY B 476 -6.11 -11.80 18.81
C GLY B 476 -4.63 -11.52 18.69
N TRP B 477 -4.21 -10.30 18.39
CA TRP B 477 -2.78 -10.00 18.26
C TRP B 477 -2.15 -9.77 19.63
N ILE B 478 -0.96 -10.35 19.83
CA ILE B 478 -0.25 -10.22 21.09
C ILE B 478 1.21 -9.87 20.79
N GLU B 479 1.83 -9.22 21.76
CA GLU B 479 3.29 -9.14 21.80
C GLU B 479 3.81 -10.36 22.55
N GLU B 480 4.73 -11.09 21.94
CA GLU B 480 5.26 -12.29 22.58
C GLU B 480 6.29 -11.93 23.65
N GLU B 481 6.06 -12.45 24.86
CA GLU B 481 6.96 -12.16 25.97
C GLU B 481 8.35 -12.68 25.67
N GLY B 482 9.36 -11.89 26.01
CA GLY B 482 10.73 -12.22 25.69
C GLY B 482 11.12 -12.03 24.24
N GLY B 483 10.21 -11.55 23.39
CA GLY B 483 10.55 -11.31 22.00
C GLY B 483 11.05 -9.92 21.68
N GLU B 484 11.14 -9.05 22.68
CA GLU B 484 11.50 -7.65 22.45
C GLU B 484 12.96 -7.54 22.01
N ILE B 485 13.21 -6.65 21.05
CA ILE B 485 14.57 -6.28 20.64
C ILE B 485 14.60 -4.76 20.48
N ILE B 486 15.25 -4.07 21.41
CA ILE B 486 15.35 -2.61 21.34
C ILE B 486 16.78 -2.22 21.00
N VAL B 487 17.06 -2.03 19.71
CA VAL B 487 18.40 -1.64 19.26
C VAL B 487 18.77 -0.31 19.88
N GLY B 488 19.98 -0.25 20.47
CA GLY B 488 20.50 1.00 21.01
C GLY B 488 20.13 1.30 22.44
N GLY B 489 19.35 0.44 23.09
CA GLY B 489 19.02 0.62 24.49
C GLY B 489 17.56 0.97 24.70
N LYS B 490 17.11 0.79 25.94
CA LYS B 490 15.68 0.85 26.27
C LYS B 490 15.09 2.24 26.09
N ASP B 491 15.89 3.31 26.13
CA ASP B 491 15.35 4.64 25.84
C ASP B 491 14.87 4.78 24.40
N ASN B 492 15.26 3.86 23.50
CA ASN B 492 14.72 3.90 22.14
C ASN B 492 13.35 3.22 22.03
N ARG B 493 12.87 2.56 23.08
CA ARG B 493 11.64 1.79 22.98
C ARG B 493 10.45 2.68 22.70
N ILE B 494 9.60 2.30 21.75
CA ILE B 494 8.31 2.95 21.58
C ILE B 494 7.20 1.95 21.85
N ASN B 495 5.97 2.43 21.86
CA ASN B 495 4.87 1.54 22.20
C ASN B 495 4.58 0.57 21.07
N THR B 496 3.74 -0.42 21.39
CA THR B 496 3.45 -1.55 20.53
C THR B 496 2.24 -1.24 19.67
N THR B 497 2.38 -1.28 18.35
CA THR B 497 1.21 -1.11 17.50
C THR B 497 0.61 -2.47 17.15
N THR B 498 -0.59 -2.40 16.65
CA THR B 498 -1.28 -3.64 16.29
C THR B 498 -1.14 -3.85 14.79
N PRO B 499 -0.73 -5.04 14.33
CA PRO B 499 -0.79 -5.40 12.93
C PRO B 499 -2.25 -5.36 12.47
N VAL B 500 -2.47 -5.04 11.22
CA VAL B 500 -3.81 -4.90 10.55
C VAL B 500 -4.42 -3.53 10.82
N PHE B 501 -4.63 -3.11 12.08
CA PHE B 501 -5.31 -1.84 12.31
C PHE B 501 -4.35 -0.66 12.34
N ASN B 502 -3.12 -0.87 12.81
CA ASN B 502 -2.12 0.17 13.09
C ASN B 502 -2.61 1.22 14.09
N ILE B 503 -3.23 0.77 15.20
CA ILE B 503 -3.34 1.60 16.40
C ILE B 503 -2.88 0.75 17.57
N LEU B 504 -2.52 1.43 18.67
CA LEU B 504 -2.11 0.72 19.87
C LEU B 504 -3.22 -0.21 20.33
N GLY B 505 -2.82 -1.37 20.87
CA GLY B 505 -3.80 -2.28 21.43
C GLY B 505 -4.62 -1.67 22.54
N LEU B 506 -4.00 -0.78 23.33
CA LEU B 506 -4.75 -0.11 24.41
C LEU B 506 -5.78 0.87 23.88
N ARG B 507 -5.71 1.24 22.59
CA ARG B 507 -6.77 1.99 21.93
C ARG B 507 -7.80 1.04 21.30
N LEU B 508 -7.32 0.00 20.61
CA LEU B 508 -8.19 -0.91 19.89
C LEU B 508 -9.19 -1.58 20.82
N LYS B 509 -8.73 -2.07 21.96
CA LYS B 509 -9.59 -2.89 22.81
C LYS B 509 -10.80 -2.12 23.35
N PRO B 510 -10.65 -0.95 24.00
CA PRO B 510 -11.87 -0.26 24.47
C PRO B 510 -12.73 0.28 23.35
N PHE B 511 -12.14 0.61 22.19
CA PHE B 511 -12.90 1.12 21.06
C PHE B 511 -13.80 0.04 20.48
N ILE B 512 -13.22 -1.10 20.10
CA ILE B 512 -14.05 -2.15 19.53
C ILE B 512 -15.00 -2.71 20.58
N ASN B 513 -14.59 -2.71 21.87
CA ASN B 513 -15.52 -3.16 22.91
C ASN B 513 -16.71 -2.24 23.03
N TYR B 514 -16.52 -0.94 22.80
CA TYR B 514 -17.64 -0.01 22.86
C TYR B 514 -18.70 -0.37 21.82
N PHE B 515 -18.27 -0.63 20.58
CA PHE B 515 -19.25 -0.83 19.53
C PHE B 515 -19.88 -2.21 19.59
N TYR B 516 -19.22 -3.19 20.21
CA TYR B 516 -19.83 -4.49 20.40
C TYR B 516 -20.49 -4.63 21.77
N CYS B 517 -20.43 -3.58 22.61
CA CYS B 517 -21.04 -3.56 23.94
C CYS B 517 -20.45 -4.63 24.86
N GLN B 518 -19.16 -4.86 24.75
CA GLN B 518 -18.45 -5.80 25.60
C GLN B 518 -17.66 -5.04 26.65
N GLU B 519 -17.28 -5.75 27.71
CA GLU B 519 -16.45 -5.09 28.72
C GLU B 519 -15.59 -6.06 29.52
C1 EDO C . 3.54 6.81 -9.03
O1 EDO C . 4.80 6.11 -9.10
C2 EDO C . 3.78 8.17 -8.39
O2 EDO C . 4.32 9.06 -9.38
C1 EDO D . -10.80 25.71 2.14
O1 EDO D . -12.00 25.13 1.64
C2 EDO D . -10.63 27.13 1.61
O2 EDO D . -11.76 27.92 1.98
C1 EDO E . 20.03 -11.61 -6.94
O1 EDO E . 20.22 -12.70 -6.03
C2 EDO E . 20.90 -10.45 -6.47
O2 EDO E . 20.80 -9.36 -7.39
C1 EDO F . 17.60 -11.08 -3.51
O1 EDO F . 17.69 -9.70 -3.84
C2 EDO F . 18.82 -11.53 -2.72
O2 EDO F . 19.99 -11.47 -3.55
C1 EDO G . -5.76 11.53 -26.32
O1 EDO G . -5.93 10.12 -26.42
C2 EDO G . -4.33 11.89 -26.70
O2 EDO G . -4.14 13.29 -26.45
C1 EDO H . 3.70 -18.14 -22.35
O1 EDO H . 2.92 -18.94 -23.24
C2 EDO H . 4.64 -17.23 -23.13
O2 EDO H . 3.93 -16.40 -24.05
C1 EDO I . -11.18 12.17 -9.43
O1 EDO I . -11.28 11.70 -10.77
C2 EDO I . -12.45 11.88 -8.68
O2 EDO I . -12.16 11.21 -7.45
C1 EDO J . -13.90 22.24 16.05
O1 EDO J . -13.44 23.31 15.21
C2 EDO J . -13.44 22.55 17.48
O2 EDO J . -13.34 23.97 17.64
C1 EDO K . -8.62 -10.23 -25.90
O1 EDO K . -9.77 -10.64 -25.14
C2 EDO K . -8.84 -10.35 -27.40
O2 EDO K . -7.94 -9.45 -28.05
C1 EDO L . -17.91 22.24 -27.75
O1 EDO L . -17.81 23.66 -27.57
C2 EDO L . -18.43 21.62 -26.47
O2 EDO L . -17.53 21.90 -25.40
C1 EDO M . 12.89 2.37 -20.07
O1 EDO M . 12.59 1.39 -19.08
C2 EDO M . 13.37 3.65 -19.42
O2 EDO M . 13.15 4.73 -20.34
C1 EDO N . -29.06 26.61 -11.51
O1 EDO N . -29.40 28.01 -11.54
C2 EDO N . -29.57 25.91 -10.26
O2 EDO N . -28.76 26.29 -9.12
C1 EDO O . 4.32 -15.92 -30.65
O1 EDO O . 3.44 -15.30 -29.71
C2 EDO O . 4.86 -17.22 -30.05
O2 EDO O . 5.73 -16.93 -28.94
C1 EDO P . -14.46 31.43 -12.62
O1 EDO P . -15.40 32.11 -13.45
C2 EDO P . -13.90 32.42 -11.62
O2 EDO P . -13.35 33.53 -12.35
C1 EDO Q . 21.54 -2.43 -19.75
O1 EDO Q . 21.49 -3.68 -20.46
C2 EDO Q . 20.44 -1.52 -20.26
O2 EDO Q . 19.19 -2.22 -20.22
C1 EDO R . 2.70 -10.72 -29.48
O1 EDO R . 1.53 -10.71 -30.30
C2 EDO R . 2.39 -11.29 -28.09
O2 EDO R . 1.41 -10.44 -27.45
C1 EDO S . -0.68 -14.62 -13.10
O1 EDO S . -1.52 -14.83 -14.23
C2 EDO S . -1.29 -15.28 -11.87
O2 EDO S . -0.52 -14.87 -10.73
C1 EDO T . -22.02 21.85 -25.80
O1 EDO T . -23.33 21.67 -26.37
C2 EDO T . -21.82 23.29 -25.36
O2 EDO T . -20.45 23.54 -25.01
C1 EDO U . 0.57 16.55 -25.92
O1 EDO U . 0.27 15.65 -27.00
C2 EDO U . 1.48 15.85 -24.91
O2 EDO U . 1.63 16.67 -23.75
C1 EDO V . -15.56 36.03 -13.81
O1 EDO V . -14.41 35.37 -13.30
C2 EDO V . -15.31 37.53 -13.81
O2 EDO V . -16.44 38.18 -14.40
C1 EDO W . -10.06 10.18 -27.44
O1 EDO W . -10.78 9.94 -28.64
C2 EDO W . -9.05 9.07 -27.22
O2 EDO W . -7.95 9.25 -28.11
C1 EDO X . 11.03 3.80 -26.26
O1 EDO X . 10.40 2.71 -26.94
C2 EDO X . 12.01 3.24 -25.24
O2 EDO X . 12.50 4.30 -24.42
C1 EDO Y . 18.02 -35.94 1.38
O1 EDO Y . 16.82 -36.65 1.07
C2 EDO Y . 19.05 -36.11 0.28
O2 EDO Y . 19.78 -34.89 0.07
C1 EDO Z . -15.07 1.68 -15.51
O1 EDO Z . -15.65 0.98 -16.62
C2 EDO Z . -15.50 3.14 -15.60
O2 EDO Z . -16.36 3.46 -14.49
C1 EDO AA . 4.21 -5.83 -34.52
O1 EDO AA . 4.85 -7.10 -34.36
C2 EDO AA . 2.85 -6.00 -35.20
O2 EDO AA . 2.11 -4.77 -35.16
C1 EDO BA . 15.77 -12.11 7.81
O1 EDO BA . 15.10 -13.33 7.52
C2 EDO BA . 16.47 -12.18 9.15
O2 EDO BA . 17.65 -11.35 9.15
C1 EDO CA . -3.84 11.81 -3.89
O1 EDO CA . -3.42 11.97 -5.24
C2 EDO CA . -5.08 10.93 -3.88
O2 EDO CA . -5.45 10.50 -2.56
C1 EDO DA . 8.51 5.56 -24.51
O1 EDO DA . 8.08 5.46 -25.87
C2 EDO DA . 9.44 6.76 -24.33
O2 EDO DA . 9.14 7.40 -23.09
C1 EDO EA . 11.86 7.55 -10.09
O1 EDO EA . 11.03 7.62 -8.93
C2 EDO EA . 11.54 6.30 -10.91
O2 EDO EA . 11.92 6.47 -12.28
C1 EDO FA . -18.04 -3.23 -21.22
O1 EDO FA . -18.30 -4.63 -21.37
C2 EDO FA . -17.17 -2.97 -20.00
O2 EDO FA . -15.86 -3.50 -20.17
C1 EDO GA . 14.57 8.16 -14.24
O1 EDO GA . 14.72 7.72 -15.59
C2 EDO GA . 13.37 9.11 -14.11
O2 EDO GA . 13.09 9.31 -12.72
C1 EDO HA . -16.93 8.65 -29.68
O1 EDO HA . -17.55 9.37 -28.62
C2 EDO HA . -15.82 9.49 -30.31
O2 EDO HA . -14.66 8.65 -30.51
C1 EDO IA . 7.94 -21.08 -1.39
O1 EDO IA . 8.56 -19.79 -1.30
C2 EDO IA . 8.33 -21.92 -0.18
O2 EDO IA . 7.66 -21.45 1.00
C1 EDO JA . -11.87 22.31 2.45
O1 EDO JA . -12.96 21.77 3.19
C2 EDO JA . -12.02 22.01 0.98
O2 EDO JA . -11.10 22.86 0.28
ZN ZN KA . 7.97 7.12 1.57
OAA 3FX LA . 20.17 -0.64 29.83
OAB 3FX LA . 19.15 -0.27 27.78
OAC 3FX LA . 18.44 3.09 27.99
OAD 3FX LA . 18.11 0.69 29.84
CAE 3FX LA . 21.49 9.33 27.46
CAF 3FX LA . 22.12 8.31 28.40
CAG 3FX LA . 21.20 8.72 26.08
CAH 3FX LA . 21.33 6.99 28.48
CAI 3FX LA . 20.34 7.47 26.19
CAJ 3FX LA . 20.63 4.17 27.84
CAK 3FX LA . 20.43 1.87 28.79
NAL 3FX LA . 19.96 5.35 27.32
CAM 3FX LA . 19.70 3.21 28.60
CAN 3FX LA . 20.95 6.41 27.10
SAO 3FX LA . 19.40 0.41 29.09
OAA 3FX MA . 17.12 14.80 20.90
OAB 3FX MA . 14.64 14.57 21.22
OAC 3FX MA . 18.27 16.46 22.81
OAD 3FX MA . 16.01 13.78 22.91
CAE 3FX MA . 19.53 20.25 27.96
CAF 3FX MA . 19.91 21.07 26.73
CAG 3FX MA . 18.17 19.57 27.78
CAH 3FX MA . 19.81 20.25 25.44
CAI 3FX MA . 18.12 18.73 26.51
CAJ 3FX MA . 17.19 18.49 23.50
CAK 3FX MA . 15.88 16.54 22.64
NAL 3FX MA . 18.51 18.65 24.12
CAM 3FX MA . 17.20 17.31 22.52
CAN 3FX MA . 18.46 19.56 25.28
SAO 3FX MA . 15.96 14.87 21.88
OAA 3FX NA . -26.87 15.81 3.85
OAB 3FX NA . -25.75 14.80 1.87
OAC 3FX NA . -24.52 16.67 1.05
OAD 3FX NA . -25.31 14.10 4.22
CAE 3FX NA . -20.07 20.33 -1.68
CAF 3FX NA . -21.09 21.00 -0.76
CAG 3FX NA . -19.38 19.12 -1.07
CAH 3FX NA . -22.07 20.01 -0.13
CAI 3FX NA . -20.36 18.14 -0.43
CAJ 3FX NA . -23.09 18.28 2.07
CAK 3FX NA . -24.24 16.49 3.41
NAL 3FX NA . -22.34 17.82 0.92
CAM 3FX NA . -24.36 17.43 2.21
CAN 3FX NA . -21.35 18.81 0.51
SAO 3FX NA . -25.58 15.26 3.30
C1 EDO OA . -20.64 -9.31 12.30
O1 EDO OA . -21.00 -9.38 10.91
C2 EDO OA . -19.77 -8.07 12.53
O2 EDO OA . -20.45 -6.92 11.99
C1 EDO PA . 3.60 11.05 29.83
O1 EDO PA . 3.36 9.91 29.00
C2 EDO PA . 2.69 12.23 29.46
O2 EDO PA . 3.02 12.72 28.15
C1 EDO QA . -24.74 -6.98 11.28
O1 EDO QA . -24.92 -5.64 11.79
C2 EDO QA . -23.72 -7.73 12.13
O2 EDO QA . -24.04 -7.63 13.53
C1 EDO RA . -7.39 10.31 0.29
O1 EDO RA . -7.15 10.84 1.61
C2 EDO RA . -8.57 11.06 -0.32
O2 EDO RA . -8.24 12.45 -0.44
C1 EDO SA . 16.87 -6.17 -2.38
O1 EDO SA . 15.77 -5.84 -1.52
C2 EDO SA . 17.81 -7.18 -1.73
O2 EDO SA . 18.27 -6.74 -0.45
C1 EDO TA . -0.93 -5.60 20.89
O1 EDO TA . -2.04 -5.11 20.12
C2 EDO TA . -0.52 -4.56 21.93
O2 EDO TA . -0.48 -3.23 21.34
C1 EDO UA . -11.58 1.88 -12.70
O1 EDO UA . -11.54 0.45 -12.66
C2 EDO UA . -11.48 2.45 -11.30
O2 EDO UA . -10.12 2.55 -10.85
C1 EDO VA . 8.33 -9.29 14.23
O1 EDO VA . 7.91 -10.65 14.29
C2 EDO VA . 7.12 -8.46 13.84
O2 EDO VA . 6.43 -8.03 15.03
C1 EDO WA . -20.33 20.35 9.51
O1 EDO WA . -20.88 19.04 9.71
C2 EDO WA . -20.54 20.80 8.07
O2 EDO WA . -19.31 21.34 7.56
C1 EDO XA . 26.84 1.32 5.50
O1 EDO XA . 27.46 0.55 4.47
C2 EDO XA . 26.70 0.44 6.75
O2 EDO XA . 27.98 0.01 7.24
C1 EDO YA . -12.96 -21.98 22.36
O1 EDO YA . -12.96 -20.82 23.19
C2 EDO YA . -12.49 -21.61 20.96
O2 EDO YA . -11.77 -22.70 20.38
C1 EDO ZA . 0.30 -16.16 -6.77
O1 EDO ZA . 0.09 -15.65 -8.09
C2 EDO ZA . 1.77 -16.52 -6.59
O2 EDO ZA . 2.57 -15.35 -6.78
C1 EDO AB . -14.26 3.82 27.59
O1 EDO AB . -13.50 2.61 27.53
C2 EDO AB . -13.35 5.03 27.39
O2 EDO AB . -14.11 6.19 27.05
C1 EDO BB . -0.60 -20.23 21.02
O1 EDO BB . -2.01 -20.01 20.95
C2 EDO BB . 0.12 -18.88 20.95
O2 EDO BB . -0.42 -17.99 21.94
C1 EDO CB . -20.04 0.80 -8.33
O1 EDO CB . -19.14 1.33 -9.31
C2 EDO CB . -20.39 1.87 -7.33
O2 EDO CB . -21.26 2.82 -7.96
C1 EDO DB . 16.00 18.89 3.70
O1 EDO DB . 17.03 18.32 2.87
C2 EDO DB . 16.30 18.67 5.19
O2 EDO DB . 15.16 19.08 5.97
C1 EDO EB . -22.78 -4.01 -6.20
O1 EDO EB . -23.02 -5.40 -5.95
C2 EDO EB . -24.01 -3.20 -5.77
O2 EDO EB . -24.35 -3.52 -4.42
C1 EDO FB . -6.71 12.13 29.48
O1 EDO FB . -7.36 12.49 28.24
C2 EDO FB . -5.65 13.16 29.85
O2 EDO FB . -4.70 13.33 28.79
C1 EDO GB . -19.34 15.82 20.46
O1 EDO GB . -18.23 16.69 20.15
C2 EDO GB . -18.85 14.38 20.61
O2 EDO GB . -19.87 13.51 21.10
C1 EDO HB . -28.89 -0.62 21.51
O1 EDO HB . -29.46 -1.88 21.10
C2 EDO HB . -28.44 -0.68 22.97
O2 EDO HB . -27.23 -1.44 23.12
C1 EDO IB . -21.36 -13.68 0.05
O1 EDO IB . -21.73 -12.55 0.84
C2 EDO IB . -20.07 -14.23 0.63
O2 EDO IB . -19.21 -14.62 -0.44
C1 EDO JB . -26.06 -16.22 4.81
O1 EDO JB . -25.24 -16.58 3.70
C2 EDO JB . -25.28 -16.52 6.08
O2 EDO JB . -26.09 -16.23 7.22
C1 EDO KB . -5.07 -6.48 21.11
O1 EDO KB . -4.37 -5.61 20.22
C2 EDO KB . -5.86 -5.68 22.13
O2 EDO KB . -5.96 -6.49 23.32
C1 EDO LB . -31.17 0.15 4.05
O1 EDO LB . -32.37 -0.62 4.03
C2 EDO LB . -31.35 1.42 3.21
O2 EDO LB . -31.41 1.09 1.81
C1 EDO MB . -8.64 -18.89 15.20
O1 EDO MB . -8.91 -17.93 14.19
C2 EDO MB . -7.26 -18.62 15.80
O2 EDO MB . -6.26 -18.72 14.79
C1 EDO NB . -21.25 19.16 14.01
O1 EDO NB . -21.69 17.89 13.51
C2 EDO NB . -20.17 18.92 15.05
O2 EDO NB . -20.69 18.08 16.09
C1 EDO OB . -3.23 9.39 26.96
O1 EDO OB . -4.28 9.63 26.00
C2 EDO OB . -3.77 8.90 28.30
O2 EDO OB . -4.51 9.94 28.96
C10 XO4 PB . 2.16 10.49 -1.93
C13 XO4 PB . 5.27 8.89 -1.12
C20 XO4 PB . 1.93 7.22 -3.04
C21 XO4 PB . 0.59 7.19 -2.69
C22 XO4 PB . 0.20 6.87 -1.37
C24 XO4 PB . 1.19 6.60 -0.39
C26 XO4 PB . -0.68 10.19 0.82
C28 XO4 PB . -2.36 8.96 2.09
C01 XO4 PB . 3.20 14.51 3.41
C02 XO4 PB . 3.25 14.04 1.94
C03 XO4 PB . 2.99 12.52 1.77
C04 XO4 PB . 3.13 12.04 0.32
C05 XO4 PB . 3.10 10.41 0.18
C06 XO4 PB . 1.86 9.89 0.85
C08 XO4 PB . 0.70 10.51 -1.28
C12 XO4 PB . 4.34 10.04 -1.67
C14 XO4 PB . 6.26 9.05 -0.12
C16 XO4 PB . 6.23 6.95 -0.73
C18 XO4 PB . 4.39 6.98 -2.52
C19 XO4 PB . 2.93 6.95 -2.06
C25 XO4 PB . 2.55 6.64 -0.73
C27 XO4 PB . -1.13 9.01 1.41
C29 XO4 PB . -3.15 10.12 2.14
C30 XO4 PB . -2.70 11.31 1.54
C31 XO4 PB . -1.47 11.35 0.89
C33 XO4 PB . -1.86 6.79 3.15
F23 XO4 PB . -1.13 6.85 -1.07
F34 XO4 PB . -2.44 5.93 4.04
F35 XO4 PB . -0.83 7.38 3.83
F36 XO4 PB . -1.35 6.10 2.07
N07 XO4 PB . 0.61 10.20 0.15
N11 XO4 PB . 3.16 9.98 -1.12
N15 XO4 PB . 6.83 7.85 0.07
N17 XO4 PB . 5.28 7.62 -1.46
O09 XO4 PB . -0.28 10.77 -1.94
O32 XO4 PB . -2.83 7.74 2.69
C1 FPP QB . 4.14 4.52 -5.81
O1 FPP QB . 4.60 5.83 -5.60
C2 FPP QB . 3.10 4.16 -4.73
C3 FPP QB . 1.77 4.16 -4.92
C4 FPP QB . 1.18 4.51 -6.27
C5 FPP QB . 0.78 3.81 -3.79
C6 FPP QB . 1.42 3.44 -2.46
C7 FPP QB . 0.35 3.11 -1.40
C8 FPP QB . 0.70 3.08 -0.12
C10 FPP QB . 2.16 3.33 0.27
C9 FPP QB . -0.27 2.75 1.02
C11 FPP QB . -1.76 3.06 0.80
C12 FPP QB . -2.54 2.57 2.03
C13 FPP QB . -3.61 3.19 2.51
C14 FPP QB . -4.30 2.61 3.74
C15 FPP QB . -4.17 4.47 1.87
PA FPP QB . 6.19 6.26 -5.89
O1A FPP QB . 6.60 5.87 -7.30
O2A FPP QB . 6.34 7.75 -5.65
O3A FPP QB . 7.17 5.48 -4.82
PB FPP QB . 8.08 4.14 -5.05
O1B FPP QB . 9.24 4.49 -5.93
O2B FPP QB . 7.30 2.97 -5.59
O3B FPP QB . 8.56 3.81 -3.65
C1 EDO RB . -0.75 5.69 6.77
O1 EDO RB . -0.23 6.90 6.23
C2 EDO RB . -0.19 5.50 8.17
O2 EDO RB . -0.30 4.14 8.53
C1 EDO SB . -14.76 3.77 -11.37
O1 EDO SB . -14.58 3.11 -12.62
C2 EDO SB . -15.51 5.07 -11.57
O2 EDO SB . -15.80 5.56 -10.27
C1 EDO TB . -28.09 -16.04 19.26
O1 EDO TB . -29.06 -17.04 18.91
C2 EDO TB . -27.32 -16.50 20.49
O2 EDO TB . -27.00 -15.36 21.29
C1 EDO UB . 2.84 -14.57 13.31
O1 EDO UB . 3.00 -13.27 12.75
C2 EDO UB . 1.39 -14.70 13.72
O2 EDO UB . 1.18 -15.89 14.46
C1 EDO VB . -3.38 -18.30 3.30
O1 EDO VB . -3.72 -18.87 4.58
C2 EDO VB . -4.25 -18.89 2.20
O2 EDO VB . -5.29 -17.98 1.83
C1 EDO WB . -7.30 2.04 -12.84
O1 EDO WB . -5.99 2.54 -13.11
C2 EDO WB . -7.28 0.53 -12.99
O2 EDO WB . -6.60 -0.05 -11.88
C1 EDO XB . 12.01 7.33 -4.16
O1 EDO XB . 12.18 6.28 -3.18
C2 EDO XB . 11.54 8.63 -3.51
O2 EDO XB . 12.67 9.27 -2.90
C1 EDO YB . -26.03 -3.84 24.66
O1 EDO YB . -27.29 -4.51 24.68
C2 EDO YB . -25.88 -2.84 25.80
O2 EDO YB . -25.14 -3.41 26.90
C1 EDO ZB . -28.14 -8.48 9.09
O1 EDO ZB . -27.47 -7.61 10.01
C2 EDO ZB . -28.48 -9.83 9.73
O2 EDO ZB . -29.78 -9.84 10.34
C1 EDO AC . 5.59 19.99 10.71
O1 EDO AC . 4.26 19.70 11.15
C2 EDO AC . 5.61 20.21 9.19
O2 EDO AC . 5.33 21.59 8.91
C1 EDO BC . -1.20 18.41 25.72
O1 EDO BC . -2.13 18.84 24.70
C2 EDO BC . -0.37 19.56 26.29
O2 EDO BC . 0.21 19.16 27.54
C1 EDO CC . 0.46 15.19 -2.19
O1 EDO CC . 1.07 15.98 -1.15
C2 EDO CC . -0.44 14.11 -1.58
O2 EDO CC . -1.82 14.49 -1.68
#